data_1QLR
#
_entry.id   1QLR
#
_cell.length_a   115.660
_cell.length_b   115.660
_cell.length_c   174.950
_cell.angle_alpha   90.00
_cell.angle_beta   90.00
_cell.angle_gamma   120.00
#
_symmetry.space_group_name_H-M   'P 31 2 1'
#
loop_
_entity.id
_entity.type
_entity.pdbx_description
1 polymer 'IGM KAPPA CHAIN V-III (KAU COLD AGGLUTININ)'
2 polymer 'IGM FAB REGION IV-J(H4)-C (KAU COLD AGGLUTININ)'
3 branched alpha-L-fucopyranose-(1-6)-2-acetamido-2-deoxy-beta-D-glucopyranose
#
loop_
_entity_poly.entity_id
_entity_poly.type
_entity_poly.pdbx_seq_one_letter_code
_entity_poly.pdbx_strand_id
1 'polypeptide(L)'
;EIVLTQSPATLSLSPGERATLSCGASQSVSSNYLAWYQQKPGQAPRLLIYDASSRATGIPDRFSGSGSGTDFTLTISRLE
PEDFAVYYCQQYGSSPLTFGGGTKVEIKRTVAAPSVFIFPPSDEQLKSGTASVVCLLNNFYPREAKVQWKVDNALQSGNS
QESVTEQDSKDSTYSLSSTLTLSKADYEKHKVYACEVTHQGLSSPVTKSFNRGEC
;
A,C
2 'polypeptide(L)'
;EVQLQQWGAGLLKPSETLSLTCAVYGGSFSDYYWSWIRQPPGKGLEWIGEINHSGSTNYNPSLKSRVTISVDTSKNQFSL
KLSSVTAADTAVYYCARPPHDTSGHYWNYWGQGTLVTVSSGSASAPTLFPLVSCENSPSDTSSVAVGCLAQDFLPDSITF
SWKYKNNSDISSTRGFPSVLRGGKYAATSQVLLPSKDVMQGTDEHVVCKVQHPNGNKEKNVPLPVIAELPPK
;
B,D
#
loop_
_chem_comp.id
_chem_comp.type
_chem_comp.name
_chem_comp.formula
FUC L-saccharide, alpha linking alpha-L-fucopyranose 'C6 H12 O5'
NAG D-saccharide, beta linking 2-acetamido-2-deoxy-beta-D-glucopyranose 'C8 H15 N O6'
#
# COMPACT_ATOMS: atom_id res chain seq x y z
N GLU A 1 54.16 12.24 22.11
CA GLU A 1 54.14 10.78 21.86
C GLU A 1 54.81 10.14 20.66
N ILE A 2 55.32 8.91 20.87
CA ILE A 2 55.92 8.22 19.71
C ILE A 2 54.77 7.71 18.84
N VAL A 3 54.76 7.97 17.53
CA VAL A 3 53.68 7.49 16.64
C VAL A 3 54.11 6.23 15.95
N LEU A 4 53.26 5.24 15.73
CA LEU A 4 53.77 4.00 15.14
C LEU A 4 53.02 3.77 13.85
N THR A 5 53.65 3.44 12.73
CA THR A 5 52.83 3.43 11.49
C THR A 5 52.99 2.04 10.96
N GLN A 6 51.95 1.32 10.65
CA GLN A 6 52.03 -0.09 10.27
C GLN A 6 51.74 -0.30 8.81
N SER A 7 52.50 -1.05 8.01
CA SER A 7 52.08 -1.20 6.62
C SER A 7 52.42 -2.59 6.13
N PRO A 8 51.72 -3.06 5.14
CA PRO A 8 50.64 -2.29 4.55
C PRO A 8 49.49 -2.20 5.54
N ALA A 9 48.38 -1.63 5.13
CA ALA A 9 47.13 -1.64 5.90
C ALA A 9 46.36 -2.94 5.60
N THR A 10 46.39 -3.45 4.37
CA THR A 10 45.78 -4.72 4.03
C THR A 10 46.75 -5.62 3.26
N LEU A 11 46.77 -6.91 3.58
CA LEU A 11 47.64 -7.92 3.06
C LEU A 11 46.82 -9.08 2.50
N SER A 12 46.78 -9.31 1.21
CA SER A 12 46.05 -10.48 0.71
C SER A 12 46.97 -11.65 0.41
N LEU A 13 46.96 -12.68 1.22
CA LEU A 13 47.82 -13.82 0.92
C LEU A 13 47.03 -15.11 0.86
N SER A 14 47.68 -16.21 0.51
CA SER A 14 47.01 -17.49 0.55
C SER A 14 47.45 -18.40 1.68
N PRO A 15 46.53 -19.26 2.12
CA PRO A 15 46.87 -20.26 3.13
C PRO A 15 48.20 -20.88 2.74
N GLY A 16 49.17 -21.12 3.56
CA GLY A 16 50.47 -21.66 3.22
C GLY A 16 51.53 -20.66 2.78
N GLU A 17 51.20 -19.41 2.48
CA GLU A 17 52.19 -18.44 2.05
C GLU A 17 52.82 -17.87 3.30
N ARG A 18 53.75 -16.98 3.16
CA ARG A 18 54.49 -16.31 4.20
C ARG A 18 54.05 -14.87 4.28
N ALA A 19 53.89 -14.36 5.50
CA ALA A 19 53.43 -12.98 5.67
C ALA A 19 54.52 -12.24 6.41
N THR A 20 54.74 -10.99 6.03
CA THR A 20 55.72 -10.19 6.76
C THR A 20 55.20 -8.77 6.90
N LEU A 21 55.03 -8.39 8.19
CA LEU A 21 54.35 -7.11 8.49
C LEU A 21 55.25 -6.08 9.14
N SER A 22 55.14 -4.78 8.86
CA SER A 22 55.98 -3.74 9.43
C SER A 22 55.36 -2.80 10.48
N CYS A 23 56.18 -2.32 11.38
CA CYS A 23 55.74 -1.40 12.39
C CYS A 23 56.85 -0.35 12.54
N GLY A 24 56.77 0.82 11.88
CA GLY A 24 57.84 1.82 12.01
C GLY A 24 57.65 2.81 13.14
N ALA A 25 58.63 3.14 13.95
CA ALA A 25 58.40 4.10 15.04
C ALA A 25 58.85 5.47 14.57
N SER A 26 58.42 6.56 15.17
CA SER A 26 58.88 7.88 14.72
C SER A 26 60.04 8.33 15.61
N GLN A 27 60.40 7.50 16.57
CA GLN A 27 61.51 7.74 17.46
C GLN A 27 62.07 6.36 17.82
N SER A 28 63.27 6.27 18.37
CA SER A 28 63.67 4.88 18.58
C SER A 28 63.05 4.53 19.92
N VAL A 29 62.76 3.26 20.07
CA VAL A 29 62.19 2.70 21.26
C VAL A 29 63.25 2.01 22.13
N SER A 30 63.33 2.45 23.38
CA SER A 30 64.22 1.89 24.36
C SER A 30 64.10 0.39 24.54
N SER A 31 65.24 -0.25 24.62
CA SER A 31 65.44 -1.63 24.93
C SER A 31 64.59 -2.58 24.16
N ASN A 32 64.16 -2.25 22.96
CA ASN A 32 63.35 -3.19 22.17
C ASN A 32 62.04 -3.56 22.83
N TYR A 33 61.53 -2.64 23.65
CA TYR A 33 60.28 -2.80 24.33
C TYR A 33 59.11 -2.57 23.38
N LEU A 34 58.81 -3.57 22.59
CA LEU A 34 57.74 -3.55 21.63
C LEU A 34 56.98 -4.86 21.61
N ALA A 35 55.64 -4.85 21.46
CA ALA A 35 54.85 -6.11 21.53
C ALA A 35 53.80 -6.29 20.44
N TRP A 36 53.42 -7.52 20.07
CA TRP A 36 52.43 -7.60 19.00
C TRP A 36 51.17 -8.31 19.51
N TYR A 37 49.99 -7.86 19.07
CA TYR A 37 48.78 -8.57 19.48
C TYR A 37 47.93 -9.05 18.29
N GLN A 38 47.10 -10.04 18.53
CA GLN A 38 46.23 -10.52 17.47
C GLN A 38 44.81 -10.18 17.81
N GLN A 39 43.96 -9.77 16.92
CA GLN A 39 42.56 -9.41 17.19
C GLN A 39 41.63 -10.03 16.16
N LYS A 40 40.62 -10.68 16.64
CA LYS A 40 39.51 -11.29 15.91
C LYS A 40 38.19 -10.63 16.26
N PRO A 41 37.31 -10.49 15.28
CA PRO A 41 36.10 -9.67 15.43
C PRO A 41 35.30 -9.91 16.67
N GLY A 42 35.04 -8.89 17.46
CA GLY A 42 34.32 -9.01 18.74
C GLY A 42 35.11 -9.63 19.85
N GLN A 43 36.45 -9.60 19.89
CA GLN A 43 37.22 -10.28 20.94
C GLN A 43 38.32 -9.37 21.47
N ALA A 44 38.82 -9.70 22.63
CA ALA A 44 39.87 -8.78 23.12
C ALA A 44 41.20 -9.03 22.43
N PRO A 45 42.13 -8.14 22.39
CA PRO A 45 43.43 -8.42 21.74
C PRO A 45 44.16 -9.52 22.49
N ARG A 46 44.83 -10.44 21.83
CA ARG A 46 45.65 -11.50 22.49
C ARG A 46 47.15 -11.34 22.27
N LEU A 47 47.96 -11.36 23.30
CA LEU A 47 49.41 -11.14 23.27
C LEU A 47 50.10 -12.18 22.40
N LEU A 48 50.94 -11.84 21.40
CA LEU A 48 51.79 -12.86 20.77
C LEU A 48 53.29 -12.89 21.10
N ILE A 49 53.97 -11.75 21.00
CA ILE A 49 55.37 -11.47 21.18
C ILE A 49 55.61 -10.30 22.14
N TYR A 50 56.58 -10.38 23.05
CA TYR A 50 56.87 -9.25 23.92
C TYR A 50 58.39 -9.04 23.85
N ASP A 51 58.86 -7.84 24.16
CA ASP A 51 60.28 -7.52 24.03
C ASP A 51 60.83 -7.77 22.63
N ALA A 52 60.12 -7.34 21.59
CA ALA A 52 60.42 -7.42 20.19
C ALA A 52 60.66 -8.79 19.64
N SER A 53 61.06 -9.81 20.35
CA SER A 53 61.32 -11.08 19.72
C SER A 53 61.09 -12.29 20.61
N SER A 54 60.66 -12.16 21.85
CA SER A 54 60.26 -13.37 22.58
C SER A 54 58.79 -13.67 22.33
N ARG A 55 58.47 -14.94 22.33
CA ARG A 55 57.12 -15.49 22.14
C ARG A 55 56.39 -15.81 23.40
N ALA A 56 55.10 -15.59 23.47
CA ALA A 56 54.27 -15.79 24.71
C ALA A 56 53.87 -17.22 24.95
N THR A 57 53.54 -17.76 26.14
CA THR A 57 53.27 -19.18 26.22
C THR A 57 52.11 -19.64 25.35
N GLY A 58 52.24 -20.83 24.84
CA GLY A 58 51.25 -21.40 23.93
C GLY A 58 51.31 -20.84 22.50
N ILE A 59 52.18 -19.93 22.09
CA ILE A 59 52.16 -19.40 20.73
C ILE A 59 53.05 -20.25 19.87
N PRO A 60 52.49 -20.77 18.78
CA PRO A 60 53.22 -21.65 17.88
C PRO A 60 54.43 -20.96 17.31
N ASP A 61 55.50 -21.71 17.07
CA ASP A 61 56.72 -21.08 16.57
C ASP A 61 56.73 -20.73 15.10
N ARG A 62 55.65 -20.67 14.38
CA ARG A 62 55.59 -20.01 13.08
C ARG A 62 55.51 -18.51 13.28
N PHE A 63 55.20 -18.01 14.47
CA PHE A 63 55.24 -16.57 14.67
C PHE A 63 56.66 -16.21 15.11
N SER A 64 57.23 -15.20 14.47
CA SER A 64 58.50 -14.73 15.02
C SER A 64 58.65 -13.22 14.83
N GLY A 65 59.40 -12.56 15.68
CA GLY A 65 59.45 -11.10 15.61
C GLY A 65 60.88 -10.60 15.75
N SER A 66 61.31 -9.65 14.96
CA SER A 66 62.61 -9.09 15.14
C SER A 66 62.58 -7.60 14.92
N GLY A 67 63.71 -6.97 15.19
CA GLY A 67 63.81 -5.53 14.88
C GLY A 67 64.56 -4.87 16.01
N SER A 68 64.68 -3.59 15.98
CA SER A 68 65.26 -2.80 17.05
C SER A 68 65.39 -1.38 16.42
N GLY A 69 65.38 -0.40 17.29
CA GLY A 69 65.54 0.97 16.90
C GLY A 69 64.19 1.53 16.55
N THR A 70 63.96 1.64 15.23
CA THR A 70 62.72 2.30 14.84
C THR A 70 62.02 1.50 13.75
N ASP A 71 62.54 0.32 13.42
CA ASP A 71 61.92 -0.56 12.47
C ASP A 71 61.80 -1.96 13.05
N PHE A 72 60.55 -2.36 13.41
CA PHE A 72 60.31 -3.69 13.93
C PHE A 72 59.48 -4.46 12.93
N THR A 73 59.62 -5.77 12.89
CA THR A 73 58.82 -6.49 11.85
C THR A 73 58.23 -7.79 12.37
N LEU A 74 57.11 -8.30 11.88
CA LEU A 74 56.51 -9.55 12.37
C LEU A 74 56.41 -10.56 11.24
N THR A 75 56.93 -11.76 11.38
CA THR A 75 56.90 -12.75 10.29
C THR A 75 56.07 -13.95 10.68
N ILE A 76 55.20 -14.38 9.80
CA ILE A 76 54.37 -15.55 10.06
C ILE A 76 54.84 -16.46 8.95
N SER A 77 55.70 -17.42 9.22
CA SER A 77 56.21 -18.21 8.08
C SER A 77 55.27 -19.08 7.26
N ARG A 78 54.04 -19.40 7.63
CA ARG A 78 53.21 -20.26 6.80
C ARG A 78 51.74 -20.03 7.15
N LEU A 79 51.08 -19.11 6.47
CA LEU A 79 49.75 -18.81 6.88
C LEU A 79 48.87 -20.03 7.11
N GLU A 80 48.33 -20.15 8.32
CA GLU A 80 47.36 -21.25 8.55
C GLU A 80 45.98 -20.60 8.64
N PRO A 81 44.88 -21.29 8.48
CA PRO A 81 43.54 -20.69 8.47
C PRO A 81 43.11 -19.87 9.64
N GLU A 82 43.46 -20.20 10.88
CA GLU A 82 43.21 -19.36 12.03
C GLU A 82 44.08 -18.11 12.04
N ASP A 83 45.12 -17.94 11.26
CA ASP A 83 45.97 -16.79 11.25
C ASP A 83 45.41 -15.54 10.60
N PHE A 84 44.34 -15.66 9.82
CA PHE A 84 43.81 -14.48 9.14
C PHE A 84 43.07 -13.60 10.14
N ALA A 85 43.53 -12.36 10.39
CA ALA A 85 42.97 -11.48 11.37
C ALA A 85 43.69 -10.15 11.37
N VAL A 86 43.55 -9.31 12.38
CA VAL A 86 44.16 -7.99 12.48
C VAL A 86 45.25 -7.98 13.54
N TYR A 87 46.41 -7.46 13.22
CA TYR A 87 47.55 -7.44 14.12
C TYR A 87 47.96 -6.06 14.56
N TYR A 88 48.21 -5.79 15.84
CA TYR A 88 48.67 -4.46 16.21
C TYR A 88 50.08 -4.54 16.80
N CYS A 89 50.91 -3.53 16.77
CA CYS A 89 52.15 -3.46 17.50
C CYS A 89 51.96 -2.44 18.62
N GLN A 90 52.80 -2.47 19.66
CA GLN A 90 52.59 -1.44 20.72
C GLN A 90 53.93 -1.12 21.36
N GLN A 91 54.29 0.11 21.69
CA GLN A 91 55.61 0.33 22.33
C GLN A 91 55.41 0.60 23.78
N TYR A 92 56.29 0.24 24.67
CA TYR A 92 56.17 0.55 26.10
C TYR A 92 57.55 1.03 26.59
N GLY A 93 58.31 1.64 25.65
CA GLY A 93 59.60 2.18 25.96
C GLY A 93 59.57 3.53 26.60
N SER A 94 58.46 4.25 26.55
CA SER A 94 58.26 5.57 27.12
C SER A 94 56.78 6.00 27.06
N SER A 95 56.36 6.72 28.08
CA SER A 95 55.00 7.13 28.19
C SER A 95 54.74 8.34 27.35
N PRO A 96 53.52 8.53 26.93
CA PRO A 96 52.47 7.54 27.11
C PRO A 96 52.63 6.28 26.27
N LEU A 97 52.05 5.18 26.68
CA LEU A 97 52.20 3.91 25.94
C LEU A 97 51.40 4.07 24.64
N THR A 98 51.74 3.65 23.44
CA THR A 98 51.00 3.90 22.22
C THR A 98 50.93 2.64 21.36
N PHE A 99 50.12 2.53 20.37
CA PHE A 99 49.78 1.46 19.48
C PHE A 99 49.73 1.88 18.03
N GLY A 100 49.95 0.99 17.08
CA GLY A 100 49.93 1.41 15.66
C GLY A 100 48.49 1.22 15.23
N GLY A 101 48.19 1.44 13.98
CA GLY A 101 46.87 1.40 13.41
C GLY A 101 46.52 0.01 12.94
N GLY A 102 47.31 -1.04 13.08
CA GLY A 102 46.84 -2.34 12.67
C GLY A 102 46.96 -2.71 11.22
N THR A 103 47.26 -3.97 10.86
CA THR A 103 47.29 -4.33 9.46
C THR A 103 46.39 -5.58 9.31
N LYS A 104 45.47 -5.62 8.35
CA LYS A 104 44.58 -6.78 8.30
C LYS A 104 45.06 -7.81 7.27
N VAL A 105 45.03 -9.07 7.60
CA VAL A 105 45.59 -10.07 6.70
C VAL A 105 44.37 -10.82 6.15
N GLU A 106 44.02 -10.66 4.90
CA GLU A 106 42.82 -11.24 4.33
C GLU A 106 43.09 -12.39 3.39
N ILE A 107 42.12 -13.28 3.15
CA ILE A 107 42.39 -14.39 2.22
C ILE A 107 42.31 -13.96 0.75
N LYS A 108 43.32 -14.38 -0.02
CA LYS A 108 43.30 -14.05 -1.45
C LYS A 108 42.55 -15.12 -2.24
N ARG A 109 41.77 -14.72 -3.21
CA ARG A 109 41.03 -15.62 -4.05
C ARG A 109 40.86 -15.01 -5.45
N THR A 110 40.14 -15.74 -6.28
CA THR A 110 39.96 -15.35 -7.68
C THR A 110 38.92 -14.27 -7.75
N VAL A 111 39.15 -13.23 -8.57
CA VAL A 111 38.15 -12.16 -8.66
C VAL A 111 36.74 -12.67 -8.99
N ALA A 112 35.79 -11.96 -8.39
CA ALA A 112 34.38 -12.32 -8.55
C ALA A 112 33.61 -11.01 -8.52
N ALA A 113 32.86 -10.83 -9.60
CA ALA A 113 32.03 -9.64 -9.80
C ALA A 113 30.73 -9.88 -9.03
N PRO A 114 30.14 -8.80 -8.54
CA PRO A 114 28.96 -8.88 -7.70
C PRO A 114 27.66 -9.04 -8.44
N SER A 115 26.62 -9.51 -7.76
CA SER A 115 25.26 -9.50 -8.25
C SER A 115 24.63 -8.21 -7.72
N VAL A 116 23.87 -7.46 -8.49
CA VAL A 116 23.31 -6.24 -7.94
C VAL A 116 21.79 -6.30 -7.89
N PHE A 117 21.19 -5.76 -6.82
CA PHE A 117 19.78 -5.73 -6.55
C PHE A 117 19.32 -4.32 -6.23
N ILE A 118 18.12 -3.95 -6.67
CA ILE A 118 17.65 -2.59 -6.29
C ILE A 118 16.28 -2.77 -5.66
N PHE A 119 15.99 -1.90 -4.69
CA PHE A 119 14.75 -1.95 -3.93
C PHE A 119 14.23 -0.55 -3.65
N PRO A 120 12.97 -0.31 -3.95
CA PRO A 120 12.30 0.95 -3.68
C PRO A 120 11.74 0.96 -2.25
N PRO A 121 11.37 2.16 -1.80
CA PRO A 121 10.85 2.39 -0.48
C PRO A 121 9.49 1.74 -0.34
N SER A 122 9.15 1.35 0.88
CA SER A 122 7.84 0.72 1.11
C SER A 122 6.80 1.83 1.23
N ASP A 123 5.53 1.41 1.05
CA ASP A 123 4.44 2.37 1.23
C ASP A 123 4.33 2.84 2.67
N GLU A 124 4.52 1.91 3.61
CA GLU A 124 4.55 2.22 5.01
C GLU A 124 5.62 3.26 5.32
N GLN A 125 6.81 2.96 4.77
CA GLN A 125 7.89 3.90 5.04
C GLN A 125 7.53 5.27 4.44
N LEU A 126 7.05 5.23 3.19
CA LEU A 126 6.66 6.50 2.60
C LEU A 126 5.65 7.26 3.45
N LYS A 127 4.59 6.58 3.92
CA LYS A 127 3.59 7.18 4.79
C LYS A 127 4.11 7.93 6.01
N SER A 128 5.28 7.65 6.53
CA SER A 128 5.91 8.29 7.66
C SER A 128 6.78 9.50 7.27
N GLY A 129 6.90 9.79 5.97
CA GLY A 129 7.65 10.93 5.51
C GLY A 129 9.08 10.87 5.02
N THR A 130 9.75 9.70 5.09
CA THR A 130 11.11 9.61 4.56
C THR A 130 11.14 8.47 3.54
N ALA A 131 12.17 8.54 2.69
CA ALA A 131 12.29 7.53 1.62
C ALA A 131 13.67 6.91 1.69
N SER A 132 13.74 5.60 1.64
CA SER A 132 15.03 4.92 1.64
C SER A 132 15.09 4.00 0.45
N VAL A 133 16.03 4.28 -0.45
CA VAL A 133 16.20 3.46 -1.66
C VAL A 133 17.41 2.57 -1.37
N VAL A 134 17.32 1.28 -1.63
CA VAL A 134 18.42 0.41 -1.21
C VAL A 134 19.03 -0.33 -2.36
N CYS A 135 20.34 -0.29 -2.49
CA CYS A 135 21.09 -1.01 -3.49
C CYS A 135 21.97 -2.04 -2.74
N LEU A 136 21.94 -3.24 -3.26
CA LEU A 136 22.65 -4.34 -2.65
C LEU A 136 23.63 -5.14 -3.47
N LEU A 137 24.96 -5.03 -3.31
CA LEU A 137 25.82 -5.89 -4.15
C LEU A 137 26.25 -7.13 -3.38
N ASN A 138 26.19 -8.33 -3.91
CA ASN A 138 26.60 -9.54 -3.24
C ASN A 138 27.77 -10.29 -3.87
N ASN A 139 28.43 -11.04 -3.01
CA ASN A 139 29.47 -12.00 -3.30
C ASN A 139 30.58 -11.58 -4.23
N PHE A 140 31.27 -10.45 -3.97
CA PHE A 140 32.37 -10.04 -4.87
C PHE A 140 33.74 -10.13 -4.25
N TYR A 141 34.77 -10.08 -5.04
CA TYR A 141 36.16 -10.09 -4.61
C TYR A 141 36.99 -9.57 -5.80
N PRO A 142 37.93 -8.69 -5.55
CA PRO A 142 38.25 -8.21 -4.22
C PRO A 142 37.21 -7.25 -3.72
N ARG A 143 37.51 -6.60 -2.65
CA ARG A 143 36.66 -5.75 -1.87
C ARG A 143 36.34 -4.38 -2.41
N GLU A 144 37.24 -3.82 -3.19
CA GLU A 144 37.01 -2.45 -3.67
C GLU A 144 35.91 -2.40 -4.70
N ALA A 145 34.96 -1.52 -4.53
CA ALA A 145 33.82 -1.35 -5.44
C ALA A 145 33.27 0.05 -5.24
N LYS A 146 32.82 0.68 -6.31
CA LYS A 146 32.26 2.02 -6.21
C LYS A 146 30.75 1.99 -6.44
N VAL A 147 29.96 2.68 -5.63
CA VAL A 147 28.54 2.66 -6.01
C VAL A 147 28.17 4.14 -6.23
N GLN A 148 27.56 4.44 -7.38
CA GLN A 148 27.09 5.80 -7.61
C GLN A 148 25.57 5.78 -7.83
N TRP A 149 24.90 6.70 -7.16
CA TRP A 149 23.45 6.85 -7.29
C TRP A 149 23.07 7.86 -8.37
N LYS A 150 22.07 7.50 -9.17
CA LYS A 150 21.55 8.44 -10.16
C LYS A 150 20.05 8.59 -10.12
N VAL A 151 19.62 9.85 -10.00
CA VAL A 151 18.20 10.21 -10.02
C VAL A 151 17.91 11.06 -11.27
N ASP A 152 17.40 10.46 -12.34
CA ASP A 152 17.15 11.20 -13.58
C ASP A 152 18.51 11.73 -14.02
N ASN A 153 19.47 10.81 -14.12
CA ASN A 153 20.88 11.01 -14.40
C ASN A 153 21.43 12.30 -13.82
N ALA A 154 21.15 12.67 -12.59
CA ALA A 154 21.74 13.83 -11.96
C ALA A 154 22.59 13.39 -10.77
N LEU A 155 23.69 12.71 -11.09
CA LEU A 155 24.69 12.25 -10.14
C LEU A 155 24.53 12.86 -8.75
N GLN A 156 24.07 12.01 -7.84
CA GLN A 156 23.79 12.39 -6.46
C GLN A 156 25.04 12.48 -5.63
N SER A 157 24.97 12.99 -4.42
CA SER A 157 26.19 13.11 -3.61
C SER A 157 25.95 13.61 -2.20
N GLY A 158 26.65 13.05 -1.22
CA GLY A 158 26.53 13.40 0.18
C GLY A 158 25.29 12.93 0.93
N ASN A 159 24.52 12.01 0.35
CA ASN A 159 23.30 11.53 0.97
C ASN A 159 23.16 10.03 0.88
N SER A 160 24.26 9.29 0.92
CA SER A 160 24.14 7.82 0.89
C SER A 160 25.13 7.22 1.89
N GLN A 161 24.78 6.08 2.47
CA GLN A 161 25.65 5.43 3.43
C GLN A 161 25.91 4.00 2.97
N GLU A 162 27.15 3.55 3.19
CA GLU A 162 27.49 2.21 2.76
C GLU A 162 27.90 1.40 3.99
N SER A 163 27.73 0.10 3.84
CA SER A 163 28.16 -0.80 4.90
C SER A 163 28.68 -2.07 4.27
N VAL A 164 29.84 -2.56 4.71
CA VAL A 164 30.46 -3.76 4.20
C VAL A 164 30.56 -4.93 5.18
N THR A 165 30.32 -6.15 4.68
CA THR A 165 30.46 -7.31 5.53
C THR A 165 31.92 -7.70 5.70
N GLU A 166 32.13 -8.66 6.59
CA GLU A 166 33.45 -9.27 6.81
C GLU A 166 33.64 -10.35 5.76
N GLN A 167 34.84 -10.72 5.41
CA GLN A 167 35.10 -11.75 4.42
C GLN A 167 34.32 -12.99 4.81
N ASP A 168 33.47 -13.51 3.93
CA ASP A 168 32.64 -14.66 4.25
C ASP A 168 33.48 -15.91 4.45
N SER A 169 33.11 -16.73 5.44
CA SER A 169 33.89 -17.95 5.74
C SER A 169 33.62 -19.12 4.81
N LYS A 170 32.61 -19.12 3.97
CA LYS A 170 32.39 -20.24 3.04
C LYS A 170 33.26 -20.00 1.80
N ASP A 171 32.99 -18.91 1.09
CA ASP A 171 33.71 -18.64 -0.16
C ASP A 171 34.65 -17.45 -0.19
N SER A 172 34.93 -16.84 0.95
CA SER A 172 35.81 -15.71 1.01
C SER A 172 35.45 -14.46 0.27
N THR A 173 34.22 -14.14 0.02
CA THR A 173 33.83 -12.96 -0.75
C THR A 173 33.28 -11.88 0.17
N TYR A 174 32.82 -10.76 -0.36
CA TYR A 174 32.25 -9.70 0.47
C TYR A 174 30.89 -9.30 -0.09
N SER A 175 30.08 -8.63 0.70
CA SER A 175 28.77 -8.18 0.28
C SER A 175 28.69 -6.75 0.78
N LEU A 176 27.97 -5.88 0.11
CA LEU A 176 27.93 -4.48 0.49
C LEU A 176 26.51 -3.97 0.28
N SER A 177 26.11 -3.02 1.12
CA SER A 177 24.77 -2.49 1.05
C SER A 177 24.83 -0.96 1.00
N SER A 178 24.03 -0.38 0.10
CA SER A 178 24.10 1.08 0.00
C SER A 178 22.72 1.70 0.18
N THR A 179 22.64 2.84 0.91
CA THR A 179 21.32 3.43 1.11
C THR A 179 21.19 4.88 0.68
N LEU A 180 20.23 5.13 -0.20
CA LEU A 180 20.00 6.53 -0.58
C LEU A 180 18.76 6.94 0.23
N THR A 181 18.86 8.07 0.91
CA THR A 181 17.75 8.53 1.69
C THR A 181 17.26 9.92 1.29
N LEU A 182 15.99 9.95 0.93
CA LEU A 182 15.31 11.15 0.53
C LEU A 182 14.06 11.40 1.39
N SER A 183 13.62 12.66 1.33
CA SER A 183 12.31 12.97 1.90
C SER A 183 11.24 12.57 0.88
N LYS A 184 10.04 12.30 1.36
CA LYS A 184 8.89 11.92 0.57
C LYS A 184 8.62 12.99 -0.48
N ALA A 185 8.75 14.26 -0.12
CA ALA A 185 8.59 15.31 -1.12
C ALA A 185 9.45 15.01 -2.35
N ASP A 186 10.75 15.07 -2.04
CA ASP A 186 11.82 14.82 -2.99
C ASP A 186 11.61 13.51 -3.73
N TYR A 187 11.38 12.40 -3.04
CA TYR A 187 11.18 11.16 -3.81
C TYR A 187 10.09 11.37 -4.86
N GLU A 188 8.94 11.90 -4.48
CA GLU A 188 7.79 12.09 -5.33
C GLU A 188 8.10 12.89 -6.59
N LYS A 189 8.78 13.99 -6.35
CA LYS A 189 9.29 14.94 -7.30
C LYS A 189 10.19 14.40 -8.41
N HIS A 190 10.78 13.20 -8.41
CA HIS A 190 11.53 12.69 -9.54
C HIS A 190 11.06 11.35 -10.09
N LYS A 191 11.66 10.80 -11.13
CA LYS A 191 11.15 9.59 -11.74
C LYS A 191 12.04 8.39 -11.92
N VAL A 192 13.27 8.55 -12.41
CA VAL A 192 14.12 7.36 -12.57
C VAL A 192 15.18 7.31 -11.49
N TYR A 193 15.19 6.16 -10.80
CA TYR A 193 16.15 5.99 -9.69
C TYR A 193 17.15 4.91 -10.10
N ALA A 194 18.45 5.29 -10.09
CA ALA A 194 19.36 4.23 -10.54
C ALA A 194 20.62 4.07 -9.72
N CYS A 195 21.03 2.80 -9.62
CA CYS A 195 22.25 2.40 -8.92
C CYS A 195 23.33 1.90 -9.89
N GLU A 196 24.46 2.62 -9.92
CA GLU A 196 25.56 2.29 -10.83
C GLU A 196 26.82 1.79 -10.18
N VAL A 197 27.22 0.58 -10.54
CA VAL A 197 28.34 -0.14 -9.93
C VAL A 197 29.55 -0.43 -10.79
N THR A 198 30.74 -0.03 -10.32
CA THR A 198 31.99 -0.35 -10.99
C THR A 198 32.81 -1.25 -10.03
N HIS A 199 33.37 -2.30 -10.57
CA HIS A 199 34.12 -3.33 -9.94
C HIS A 199 35.10 -3.99 -10.90
N GLN A 200 36.36 -4.12 -10.54
CA GLN A 200 37.33 -4.76 -11.44
C GLN A 200 36.87 -6.05 -12.08
N GLY A 201 35.93 -6.85 -11.65
CA GLY A 201 35.52 -8.05 -12.32
C GLY A 201 34.43 -7.74 -13.34
N LEU A 202 34.13 -6.48 -13.56
CA LEU A 202 33.17 -6.05 -14.55
C LEU A 202 33.91 -5.29 -15.66
N SER A 203 33.54 -5.51 -16.92
CA SER A 203 34.25 -4.81 -18.01
C SER A 203 33.73 -3.39 -18.21
N SER A 204 32.46 -3.16 -17.94
CA SER A 204 31.96 -1.79 -17.78
C SER A 204 30.85 -1.83 -16.73
N PRO A 205 30.64 -0.67 -16.15
CA PRO A 205 29.68 -0.52 -15.08
C PRO A 205 28.34 -1.15 -15.38
N VAL A 206 27.71 -1.64 -14.32
CA VAL A 206 26.36 -2.18 -14.35
C VAL A 206 25.41 -1.15 -13.73
N THR A 207 24.19 -1.11 -14.30
CA THR A 207 23.17 -0.20 -13.80
C THR A 207 21.84 -0.95 -13.59
N LYS A 208 21.22 -0.61 -12.45
CA LYS A 208 19.93 -1.18 -12.06
C LYS A 208 19.11 0.03 -11.64
N SER A 209 17.86 0.03 -12.08
CA SER A 209 16.96 1.16 -11.77
C SER A 209 15.49 0.75 -11.86
N PHE A 210 14.60 1.62 -11.39
CA PHE A 210 13.16 1.31 -11.45
C PHE A 210 12.50 2.67 -11.69
N ASN A 211 11.23 2.70 -12.11
CA ASN A 211 10.56 3.99 -12.24
C ASN A 211 9.64 4.22 -11.05
N ARG A 212 9.47 5.37 -10.42
CA ARG A 212 8.46 5.46 -9.36
C ARG A 212 7.12 4.90 -9.88
N GLY A 213 6.42 4.13 -9.06
CA GLY A 213 5.16 3.53 -9.50
C GLY A 213 5.38 2.12 -10.02
N GLU A 214 5.46 1.91 -11.32
CA GLU A 214 5.57 0.56 -11.87
C GLU A 214 6.47 -0.31 -11.00
N CYS A 215 5.96 -1.05 -10.03
CA CYS A 215 6.82 -1.76 -9.10
C CYS A 215 6.11 -2.88 -8.35
N GLU B 1 44.11 -18.29 34.70
CA GLU B 1 45.00 -17.98 35.84
C GLU B 1 44.45 -16.69 36.42
N VAL B 2 43.90 -15.73 35.69
CA VAL B 2 43.29 -14.57 36.41
C VAL B 2 42.03 -14.15 35.68
N GLN B 3 40.94 -13.77 36.32
CA GLN B 3 39.70 -13.40 35.61
C GLN B 3 39.37 -11.93 35.90
N LEU B 4 39.03 -11.18 34.83
CA LEU B 4 38.68 -9.78 35.05
C LEU B 4 37.25 -9.47 34.70
N GLN B 5 36.30 -9.20 35.58
CA GLN B 5 34.94 -8.86 35.16
C GLN B 5 34.67 -7.39 35.02
N GLN B 6 34.02 -6.94 33.97
CA GLN B 6 33.76 -5.50 33.91
C GLN B 6 32.28 -5.21 33.95
N TRP B 7 31.89 -4.08 34.51
CA TRP B 7 30.49 -3.67 34.45
C TRP B 7 30.38 -2.15 34.42
N GLY B 8 29.23 -1.59 34.05
CA GLY B 8 29.00 -0.14 34.03
C GLY B 8 27.97 0.23 32.95
N ALA B 9 27.28 1.31 33.10
CA ALA B 9 26.27 1.81 32.17
C ALA B 9 26.76 1.93 30.75
N GLY B 10 25.97 1.48 29.82
CA GLY B 10 26.36 1.51 28.41
C GLY B 10 25.85 2.55 27.48
N LEU B 11 24.92 3.40 27.87
CA LEU B 11 24.35 4.44 27.03
C LEU B 11 24.24 5.75 27.83
N LEU B 12 24.84 6.84 27.41
CA LEU B 12 24.94 8.10 28.10
C LEU B 12 24.58 9.23 27.11
N LYS B 13 24.43 10.43 27.67
CA LYS B 13 24.16 11.63 26.91
C LYS B 13 25.28 12.66 27.01
N PRO B 14 25.31 13.50 26.01
CA PRO B 14 26.42 14.45 25.93
C PRO B 14 26.54 15.19 27.22
N SER B 15 27.75 15.18 27.75
CA SER B 15 28.27 15.81 28.93
C SER B 15 27.92 15.17 30.27
N GLU B 16 27.41 13.95 30.25
CA GLU B 16 27.26 13.18 31.47
C GLU B 16 28.64 12.55 31.76
N THR B 17 28.75 11.77 32.84
CA THR B 17 30.07 11.26 33.13
C THR B 17 30.08 9.72 33.10
N LEU B 18 31.10 9.20 32.39
CA LEU B 18 31.22 7.78 32.21
C LEU B 18 31.85 7.14 33.43
N SER B 19 31.29 6.00 33.84
CA SER B 19 31.84 5.33 35.02
C SER B 19 31.94 3.83 34.82
N LEU B 20 33.09 3.16 34.90
CA LEU B 20 33.19 1.72 34.69
C LEU B 20 33.98 1.05 35.82
N THR B 21 33.65 -0.21 36.12
CA THR B 21 34.38 -0.90 37.17
C THR B 21 34.86 -2.27 36.71
N CYS B 22 36.01 -2.69 37.23
CA CYS B 22 36.61 -3.99 36.89
C CYS B 22 37.08 -4.69 38.15
N ALA B 23 36.64 -5.93 38.32
CA ALA B 23 36.97 -6.74 39.52
C ALA B 23 37.87 -7.92 39.17
N VAL B 24 38.81 -8.22 40.06
CA VAL B 24 39.81 -9.22 39.87
C VAL B 24 39.74 -10.50 40.69
N TYR B 25 39.61 -11.69 40.15
CA TYR B 25 39.53 -12.95 40.81
C TYR B 25 40.73 -13.72 40.31
N GLY B 26 41.67 -14.08 41.20
CA GLY B 26 42.83 -14.68 40.66
C GLY B 26 44.19 -14.52 41.19
N GLY B 27 45.10 -13.56 41.16
CA GLY B 27 46.45 -13.98 41.74
C GLY B 27 46.60 -13.05 42.92
N SER B 28 47.51 -12.12 42.93
CA SER B 28 47.71 -11.07 43.90
C SER B 28 47.21 -9.76 43.30
N PHE B 29 46.76 -8.85 44.12
CA PHE B 29 46.07 -7.68 43.58
C PHE B 29 47.08 -6.56 43.61
N SER B 30 48.09 -6.94 44.40
CA SER B 30 49.18 -6.16 44.82
C SER B 30 50.23 -5.54 44.01
N ASP B 31 51.09 -5.75 43.07
CA ASP B 31 52.01 -4.54 42.85
C ASP B 31 51.84 -4.05 41.45
N TYR B 32 51.00 -4.76 40.69
CA TYR B 32 50.78 -4.45 39.30
C TYR B 32 50.27 -3.06 39.02
N TYR B 33 50.55 -2.50 37.87
CA TYR B 33 49.91 -1.33 37.32
C TYR B 33 48.72 -1.80 36.45
N TRP B 34 47.47 -1.63 36.94
CA TRP B 34 46.30 -2.07 36.23
C TRP B 34 45.94 -1.03 35.22
N SER B 35 45.64 -1.30 33.95
CA SER B 35 45.29 -0.27 33.00
C SER B 35 43.86 -0.21 32.45
N TRP B 36 43.47 0.91 31.86
CA TRP B 36 42.25 1.03 31.12
C TRP B 36 42.70 1.32 29.68
N ILE B 37 42.20 0.67 28.65
CA ILE B 37 42.54 1.00 27.28
C ILE B 37 41.26 1.22 26.52
N ARG B 38 41.11 1.78 25.33
CA ARG B 38 39.80 1.73 24.64
C ARG B 38 39.91 1.65 23.12
N GLN B 39 38.81 1.34 22.44
CA GLN B 39 38.82 1.16 20.98
C GLN B 39 37.57 1.61 20.31
N PRO B 40 37.57 2.72 19.61
CA PRO B 40 36.43 3.23 18.83
C PRO B 40 36.21 2.22 17.72
N PRO B 41 34.98 2.02 17.32
CA PRO B 41 34.65 1.07 16.26
C PRO B 41 35.27 1.56 14.95
N GLY B 42 35.86 0.57 14.30
CA GLY B 42 36.60 0.85 13.08
C GLY B 42 38.03 1.31 13.31
N LYS B 43 38.38 2.01 14.40
CA LYS B 43 39.73 2.49 14.62
C LYS B 43 40.58 1.62 15.53
N GLY B 44 41.78 2.07 15.87
CA GLY B 44 42.69 1.28 16.66
C GLY B 44 42.64 1.47 18.16
N LEU B 45 43.52 0.90 18.95
CA LEU B 45 43.54 1.01 20.39
C LEU B 45 44.15 2.25 21.00
N GLU B 46 43.73 2.78 22.10
CA GLU B 46 44.33 3.94 22.73
C GLU B 46 44.46 3.71 24.24
N TRP B 47 45.63 3.90 24.85
CA TRP B 47 45.75 3.66 26.28
C TRP B 47 45.22 4.88 26.99
N ILE B 48 44.48 4.73 28.09
CA ILE B 48 44.03 5.88 28.88
C ILE B 48 44.91 6.10 30.10
N GLY B 49 45.24 5.08 30.90
CA GLY B 49 46.08 5.35 32.10
C GLY B 49 46.18 4.12 32.99
N GLU B 50 46.84 4.20 34.13
CA GLU B 50 47.05 3.04 34.99
C GLU B 50 47.22 3.39 36.47
N ILE B 51 47.11 2.35 37.32
CA ILE B 51 47.16 2.62 38.76
C ILE B 51 47.58 1.38 39.53
N ASN B 52 48.18 1.52 40.72
CA ASN B 52 48.59 0.36 41.50
C ASN B 52 47.90 0.34 42.86
N HIS B 53 48.15 -0.62 43.72
CA HIS B 53 47.32 -0.69 44.90
C HIS B 53 47.53 0.49 45.81
N SER B 54 48.66 1.13 45.77
CA SER B 54 48.86 2.26 46.68
C SER B 54 48.52 3.61 46.07
N GLY B 55 47.72 3.70 45.03
CA GLY B 55 47.30 4.99 44.55
C GLY B 55 48.17 5.72 43.58
N SER B 56 49.43 5.39 43.29
CA SER B 56 50.06 6.24 42.26
C SER B 56 49.54 5.94 40.88
N THR B 57 49.29 6.94 40.05
CA THR B 57 48.72 6.72 38.73
C THR B 57 49.54 7.31 37.59
N ASN B 58 49.35 7.02 36.33
CA ASN B 58 50.03 7.62 35.22
C ASN B 58 48.95 7.82 34.11
N TYR B 59 48.73 9.01 33.57
CA TYR B 59 47.73 9.16 32.56
C TYR B 59 48.25 9.51 31.18
N ASN B 60 47.53 9.16 30.14
CA ASN B 60 47.84 9.63 28.81
C ASN B 60 47.56 11.11 28.86
N PRO B 61 48.43 11.98 28.39
CA PRO B 61 48.25 13.42 28.50
C PRO B 61 47.15 13.95 27.64
N SER B 62 46.65 13.30 26.61
CA SER B 62 45.54 13.87 25.85
C SER B 62 44.15 13.70 26.44
N LEU B 63 43.94 13.15 27.61
CA LEU B 63 42.75 12.91 28.36
C LEU B 63 42.90 13.32 29.83
N LYS B 64 44.14 13.62 30.22
CA LYS B 64 44.47 13.93 31.61
C LYS B 64 43.53 14.91 32.28
N SER B 65 43.08 15.96 31.63
CA SER B 65 42.12 16.84 32.33
C SER B 65 40.79 16.14 32.65
N ARG B 66 40.19 15.39 31.73
CA ARG B 66 38.92 14.73 32.01
C ARG B 66 38.93 13.36 32.67
N VAL B 67 40.07 12.80 33.13
CA VAL B 67 40.02 11.45 33.61
C VAL B 67 40.35 11.19 35.05
N THR B 68 39.80 10.19 35.73
CA THR B 68 40.22 9.89 37.10
C THR B 68 40.20 8.38 37.29
N ILE B 69 41.27 7.78 37.74
CA ILE B 69 41.24 6.33 37.96
C ILE B 69 41.39 6.09 39.45
N SER B 70 40.74 5.07 40.02
CA SER B 70 40.99 4.89 41.47
C SER B 70 40.87 3.41 41.84
N VAL B 71 41.35 3.05 43.02
CA VAL B 71 41.24 1.68 43.44
C VAL B 71 40.62 1.46 44.84
N ASP B 72 40.01 0.29 44.92
CA ASP B 72 39.41 -0.15 46.15
C ASP B 72 40.08 -1.48 46.55
N THR B 73 41.03 -1.27 47.48
CA THR B 73 41.77 -2.47 47.91
C THR B 73 41.04 -3.38 48.87
N SER B 74 39.98 -2.90 49.39
CA SER B 74 38.98 -3.61 50.17
C SER B 74 38.15 -4.65 49.41
N LYS B 75 37.90 -4.46 48.13
CA LYS B 75 37.19 -5.42 47.32
C LYS B 75 37.99 -5.90 46.11
N ASN B 76 39.29 -5.50 46.05
CA ASN B 76 40.09 -5.80 44.85
C ASN B 76 39.47 -5.25 43.57
N GLN B 77 39.02 -4.00 43.51
CA GLN B 77 38.41 -3.55 42.27
C GLN B 77 39.06 -2.24 41.89
N PHE B 78 39.01 -1.83 40.64
CA PHE B 78 39.54 -0.50 40.28
C PHE B 78 38.59 0.12 39.27
N SER B 79 38.64 1.38 39.00
CA SER B 79 37.61 1.95 38.12
C SER B 79 38.00 3.27 37.51
N LEU B 80 37.23 3.62 36.50
CA LEU B 80 37.52 4.74 35.64
C LEU B 80 36.35 5.70 35.55
N LYS B 81 36.62 6.96 35.66
CA LYS B 81 35.63 8.01 35.51
C LYS B 81 36.05 8.97 34.41
N LEU B 82 35.25 9.23 33.43
CA LEU B 82 35.62 10.10 32.33
C LEU B 82 34.52 11.14 32.16
N SER B 83 34.81 12.39 32.53
CA SER B 83 33.75 13.38 32.45
C SER B 83 33.64 14.15 31.14
N SER B 84 32.50 14.81 31.00
CA SER B 84 32.00 15.52 29.86
C SER B 84 32.04 14.68 28.60
N VAL B 85 31.34 13.56 28.52
CA VAL B 85 31.54 12.82 27.24
C VAL B 85 30.93 13.55 26.07
N THR B 86 31.30 13.27 24.84
CA THR B 86 30.70 13.78 23.63
C THR B 86 30.65 12.53 22.76
N ALA B 87 30.07 12.56 21.57
CA ALA B 87 29.98 11.35 20.75
C ALA B 87 31.32 10.69 20.39
N ALA B 88 32.46 11.40 20.45
CA ALA B 88 33.77 10.87 20.19
C ALA B 88 34.18 9.87 21.26
N ASP B 89 33.56 9.80 22.42
CA ASP B 89 33.95 8.87 23.47
C ASP B 89 33.33 7.49 23.32
N THR B 90 32.44 7.29 22.38
CA THR B 90 31.82 6.00 22.17
C THR B 90 32.92 5.02 21.82
N ALA B 91 32.89 3.80 22.32
CA ALA B 91 33.98 2.84 22.09
C ALA B 91 33.91 1.58 22.95
N VAL B 92 34.70 0.54 22.64
CA VAL B 92 34.71 -0.60 23.59
C VAL B 92 35.75 -0.36 24.68
N TYR B 93 35.49 -0.38 25.96
CA TYR B 93 36.49 -0.08 26.99
C TYR B 93 37.02 -1.34 27.68
N TYR B 94 38.30 -1.69 27.73
CA TYR B 94 38.80 -2.89 28.33
C TYR B 94 39.68 -2.60 29.55
N CYS B 95 39.81 -3.56 30.47
CA CYS B 95 40.75 -3.42 31.57
C CYS B 95 41.82 -4.50 31.30
N ALA B 96 43.03 -4.28 31.82
CA ALA B 96 44.07 -5.30 31.59
C ALA B 96 45.22 -5.34 32.55
N ARG B 97 46.02 -6.38 32.56
CA ARG B 97 47.15 -6.38 33.51
C ARG B 97 48.39 -7.01 32.91
N PRO B 98 49.53 -6.43 33.25
CA PRO B 98 50.84 -6.91 32.75
C PRO B 98 51.22 -8.17 33.49
N PRO B 99 52.04 -9.04 32.90
CA PRO B 99 52.39 -10.34 33.45
C PRO B 99 53.24 -10.31 34.69
N HIS B 100 54.02 -9.30 35.02
CA HIS B 100 54.88 -9.18 36.17
C HIS B 100 54.88 -7.78 36.75
N ASP B 101 55.34 -7.64 38.00
CA ASP B 101 55.40 -6.36 38.66
C ASP B 101 56.58 -5.51 38.25
N THR B 102 57.59 -6.14 37.71
CA THR B 102 58.90 -5.56 37.49
C THR B 102 59.28 -5.49 36.05
N SER B 103 58.32 -5.25 35.16
CA SER B 103 58.68 -5.29 33.74
C SER B 103 57.95 -4.38 32.81
N GLY B 104 58.06 -4.66 31.53
CA GLY B 104 57.41 -3.81 30.55
C GLY B 104 55.91 -3.78 30.85
N HIS B 105 55.28 -2.66 30.55
CA HIS B 105 53.86 -2.55 30.60
C HIS B 105 53.35 -3.02 29.24
N TYR B 106 53.26 -4.32 29.02
CA TYR B 106 52.52 -4.89 27.89
C TYR B 106 51.51 -5.83 28.55
N TRP B 107 50.35 -6.17 27.97
CA TRP B 107 49.30 -6.87 28.70
C TRP B 107 48.95 -8.30 28.28
N ASN B 108 48.98 -9.31 29.14
CA ASN B 108 48.62 -10.67 28.78
C ASN B 108 47.27 -11.12 29.40
N TYR B 109 46.69 -10.34 30.32
CA TYR B 109 45.38 -10.58 30.86
C TYR B 109 44.42 -9.42 30.54
N TRP B 110 43.34 -9.61 29.81
CA TRP B 110 42.38 -8.60 29.48
C TRP B 110 40.96 -8.86 30.02
N GLY B 111 40.10 -7.84 30.16
CA GLY B 111 38.67 -8.17 30.48
C GLY B 111 37.98 -8.42 29.14
N GLN B 112 36.71 -8.67 29.11
CA GLN B 112 35.92 -8.85 27.90
C GLN B 112 35.51 -7.56 27.23
N GLY B 113 35.48 -6.40 27.86
CA GLY B 113 35.15 -5.14 27.19
C GLY B 113 33.69 -4.78 27.45
N THR B 114 33.40 -3.50 27.52
CA THR B 114 32.07 -2.93 27.64
C THR B 114 31.87 -1.94 26.50
N LEU B 115 30.87 -2.09 25.66
CA LEU B 115 30.67 -1.04 24.64
C LEU B 115 29.98 0.16 25.28
N VAL B 116 30.38 1.40 25.17
CA VAL B 116 29.64 2.51 25.79
C VAL B 116 29.23 3.45 24.67
N THR B 117 27.99 3.71 24.33
CA THR B 117 27.63 4.58 23.23
C THR B 117 27.26 5.98 23.79
N VAL B 118 27.74 7.10 23.23
CA VAL B 118 27.31 8.36 23.81
C VAL B 118 26.43 9.05 22.78
N SER B 119 25.15 9.32 23.02
CA SER B 119 24.24 9.86 22.03
C SER B 119 23.19 10.80 22.60
N SER B 120 22.62 11.62 21.74
CA SER B 120 21.64 12.62 22.26
C SER B 120 20.29 11.93 22.23
N GLY B 121 20.10 10.91 21.45
CA GLY B 121 18.88 10.14 21.34
C GLY B 121 18.46 9.55 22.66
N SER B 122 17.66 8.50 22.68
CA SER B 122 17.12 7.85 23.89
C SER B 122 16.73 6.45 23.41
N ALA B 123 17.02 5.47 24.27
CA ALA B 123 16.82 4.08 23.84
C ALA B 123 15.55 3.92 23.02
N SER B 124 15.52 3.02 22.04
CA SER B 124 14.27 2.83 21.32
C SER B 124 14.40 1.58 20.46
N ALA B 125 13.34 0.85 20.26
CA ALA B 125 13.34 -0.38 19.50
C ALA B 125 13.18 -0.03 18.04
N PRO B 126 13.58 -0.95 17.19
CA PRO B 126 13.53 -0.66 15.77
C PRO B 126 12.10 -0.54 15.28
N THR B 127 11.92 0.17 14.15
CA THR B 127 10.70 0.01 13.37
C THR B 127 11.10 -0.74 12.11
N LEU B 128 10.36 -1.74 11.67
CA LEU B 128 10.66 -2.60 10.55
C LEU B 128 9.81 -2.37 9.29
N PHE B 129 10.46 -2.27 8.12
CA PHE B 129 9.76 -2.23 6.85
C PHE B 129 10.34 -3.30 5.94
N PRO B 130 9.58 -3.84 5.02
CA PRO B 130 10.03 -4.91 4.12
C PRO B 130 10.70 -4.40 2.86
N LEU B 131 11.41 -5.26 2.16
CA LEU B 131 12.13 -4.89 0.95
C LEU B 131 11.79 -5.95 -0.11
N VAL B 132 10.96 -5.58 -1.07
CA VAL B 132 10.59 -6.55 -2.11
C VAL B 132 11.25 -6.08 -3.41
N SER B 133 11.67 -7.00 -4.27
CA SER B 133 12.32 -6.54 -5.50
C SER B 133 11.29 -6.01 -6.49
N CYS B 134 11.65 -4.96 -7.22
CA CYS B 134 10.63 -4.26 -8.01
C CYS B 134 10.37 -4.81 -9.42
N VAL B 144 15.71 -15.71 -6.09
CA VAL B 144 15.10 -14.43 -5.73
C VAL B 144 15.62 -13.85 -4.40
N ALA B 145 15.47 -12.53 -4.27
CA ALA B 145 15.98 -11.77 -3.15
C ALA B 145 14.94 -10.93 -2.43
N VAL B 146 14.79 -11.22 -1.13
CA VAL B 146 13.91 -10.35 -0.33
C VAL B 146 14.71 -9.79 0.82
N GLY B 147 14.27 -8.67 1.37
CA GLY B 147 14.96 -8.00 2.44
C GLY B 147 14.15 -7.35 3.53
N CYS B 148 14.85 -6.86 4.57
CA CYS B 148 14.18 -6.26 5.73
C CYS B 148 14.94 -5.07 6.26
N LEU B 149 14.31 -3.97 6.57
CA LEU B 149 15.00 -2.81 7.11
C LEU B 149 14.70 -2.51 8.58
N ALA B 150 15.73 -2.42 9.44
CA ALA B 150 15.48 -2.09 10.83
C ALA B 150 15.86 -0.63 11.00
N GLN B 151 14.96 0.21 11.49
CA GLN B 151 15.34 1.62 11.62
C GLN B 151 15.01 2.31 12.92
N ASP B 152 15.74 3.37 13.22
CA ASP B 152 15.66 4.18 14.41
C ASP B 152 15.88 3.45 15.72
N PHE B 153 16.95 2.64 15.83
CA PHE B 153 17.18 1.91 17.09
C PHE B 153 18.42 2.39 17.84
N LEU B 154 18.38 2.32 19.15
CA LEU B 154 19.48 2.74 20.03
C LEU B 154 19.31 2.02 21.37
N PRO B 155 20.33 1.40 21.94
CA PRO B 155 21.67 1.37 21.38
C PRO B 155 21.80 0.32 20.30
N ASP B 156 22.99 0.18 19.75
CA ASP B 156 23.21 -0.76 18.67
C ASP B 156 23.40 -2.20 19.05
N SER B 157 22.37 -2.92 19.39
CA SER B 157 22.50 -4.36 19.64
C SER B 157 21.30 -5.03 18.99
N ILE B 158 21.33 -5.38 17.75
CA ILE B 158 20.14 -5.91 17.08
C ILE B 158 20.51 -7.29 16.62
N THR B 159 19.60 -8.18 16.39
CA THR B 159 19.84 -9.55 15.96
C THR B 159 18.72 -9.90 14.96
N PHE B 160 19.00 -10.65 13.90
CA PHE B 160 17.94 -10.95 12.94
C PHE B 160 17.76 -12.44 12.69
N SER B 161 16.53 -12.83 12.44
CA SER B 161 16.33 -14.25 12.10
C SER B 161 15.16 -14.31 11.13
N TRP B 162 15.20 -15.26 10.23
CA TRP B 162 14.16 -15.36 9.19
C TRP B 162 13.47 -16.70 9.18
N LYS B 163 12.15 -16.73 9.03
CA LYS B 163 11.44 -18.00 9.06
C LYS B 163 10.46 -18.17 7.90
N TYR B 164 10.17 -19.42 7.54
CA TYR B 164 9.14 -19.69 6.54
C TYR B 164 7.75 -19.64 7.17
N LYS B 165 6.75 -19.46 6.31
CA LYS B 165 5.35 -19.53 6.76
C LYS B 165 5.06 -20.84 7.48
N ASN B 166 5.52 -21.97 6.99
CA ASN B 166 5.52 -23.25 7.66
C ASN B 166 6.69 -23.27 8.65
N ASN B 167 6.52 -22.62 9.79
CA ASN B 167 7.53 -22.46 10.81
C ASN B 167 8.70 -23.43 10.75
N SER B 168 9.82 -22.89 10.29
CA SER B 168 11.09 -23.56 10.12
C SER B 168 12.13 -22.57 9.59
N ASP B 169 13.36 -22.59 10.11
CA ASP B 169 14.34 -21.55 9.81
C ASP B 169 14.78 -21.39 8.37
N ILE B 170 14.95 -20.13 7.97
CA ILE B 170 15.57 -19.87 6.67
C ILE B 170 17.07 -19.78 6.95
N SER B 171 17.95 -20.15 6.04
CA SER B 171 19.38 -20.12 6.35
C SER B 171 20.21 -19.55 5.23
N SER B 172 19.61 -19.26 4.09
CA SER B 172 20.28 -18.52 3.03
C SER B 172 20.08 -17.04 3.36
N THR B 173 20.84 -16.59 4.32
CA THR B 173 20.79 -15.31 4.99
C THR B 173 22.05 -14.48 4.90
N ARG B 174 21.89 -13.17 5.03
CA ARG B 174 23.04 -12.29 4.98
C ARG B 174 22.73 -10.96 5.67
N GLY B 175 23.57 -10.58 6.63
CA GLY B 175 23.39 -9.38 7.41
C GLY B 175 24.56 -8.43 7.42
N PHE B 176 24.25 -7.13 7.41
CA PHE B 176 25.23 -6.07 7.32
C PHE B 176 25.38 -5.23 8.55
N PRO B 177 26.56 -4.75 8.89
CA PRO B 177 26.75 -3.91 10.07
C PRO B 177 25.79 -2.75 10.06
N SER B 178 25.55 -2.09 11.16
CA SER B 178 24.63 -0.99 11.30
C SER B 178 25.27 0.30 10.85
N VAL B 179 24.47 1.26 10.44
CA VAL B 179 25.02 2.56 10.07
C VAL B 179 24.47 3.52 11.09
N LEU B 180 25.14 4.61 11.35
CA LEU B 180 24.74 5.65 12.27
C LEU B 180 24.28 6.94 11.60
N ARG B 181 22.99 7.21 11.56
CA ARG B 181 22.49 8.46 11.02
C ARG B 181 21.59 9.13 12.05
N GLY B 182 22.01 10.31 12.43
CA GLY B 182 21.33 11.24 13.29
C GLY B 182 21.15 10.82 14.72
N GLY B 183 22.23 10.41 15.38
CA GLY B 183 22.16 9.89 16.74
C GLY B 183 21.60 8.50 16.92
N LYS B 184 21.01 7.87 15.94
CA LYS B 184 20.43 6.54 16.04
C LYS B 184 20.93 5.58 14.97
N TYR B 185 20.53 4.32 14.88
CA TYR B 185 21.07 3.41 13.88
C TYR B 185 20.11 2.74 12.93
N ALA B 186 20.64 2.14 11.87
CA ALA B 186 19.78 1.45 10.88
C ALA B 186 20.50 0.20 10.42
N ALA B 187 19.80 -0.78 9.86
CA ALA B 187 20.54 -2.00 9.49
C ALA B 187 19.70 -2.79 8.53
N THR B 188 20.26 -3.62 7.66
CA THR B 188 19.43 -4.31 6.67
C THR B 188 19.89 -5.76 6.67
N SER B 189 18.99 -6.65 6.36
CA SER B 189 19.20 -8.06 6.30
C SER B 189 18.58 -8.66 5.03
N GLN B 190 19.25 -9.62 4.39
CA GLN B 190 18.57 -10.14 3.20
C GLN B 190 18.54 -11.66 3.13
N VAL B 191 17.50 -12.16 2.45
CA VAL B 191 17.45 -13.61 2.23
C VAL B 191 17.46 -13.85 0.72
N LEU B 192 18.11 -14.92 0.30
CA LEU B 192 18.17 -15.31 -1.12
C LEU B 192 17.49 -16.67 -1.31
N LEU B 193 16.32 -16.64 -1.90
CA LEU B 193 15.50 -17.83 -2.11
C LEU B 193 15.53 -18.30 -3.56
N PRO B 194 15.63 -19.59 -3.77
CA PRO B 194 15.67 -20.18 -5.08
C PRO B 194 14.32 -20.27 -5.77
N THR B 202 2.82 -23.61 -2.28
CA THR B 202 3.24 -22.21 -2.26
C THR B 202 3.40 -21.74 -0.81
N ASP B 203 3.45 -20.45 -0.65
CA ASP B 203 3.59 -19.63 0.53
C ASP B 203 3.39 -18.21 -0.04
N GLU B 204 2.66 -17.37 0.69
CA GLU B 204 2.42 -16.01 0.19
C GLU B 204 3.32 -15.00 0.90
N HIS B 205 4.12 -15.50 1.87
CA HIS B 205 5.05 -14.60 2.56
C HIS B 205 6.14 -15.35 3.31
N VAL B 206 7.08 -14.56 3.82
CA VAL B 206 8.18 -15.08 4.64
C VAL B 206 8.33 -14.16 5.83
N VAL B 207 8.96 -14.61 6.91
CA VAL B 207 8.98 -13.78 8.13
C VAL B 207 10.32 -13.27 8.59
N CYS B 208 10.35 -11.98 8.88
CA CYS B 208 11.48 -11.25 9.39
C CYS B 208 11.42 -10.92 10.88
N LYS B 209 12.29 -11.52 11.70
CA LYS B 209 12.30 -11.20 13.13
C LYS B 209 13.53 -10.48 13.64
N VAL B 210 13.46 -9.50 14.54
CA VAL B 210 14.62 -8.86 15.10
C VAL B 210 14.51 -8.89 16.64
N GLN B 211 15.63 -8.98 17.38
CA GLN B 211 15.52 -8.89 18.85
C GLN B 211 16.29 -7.66 19.32
N HIS B 212 15.83 -6.90 20.30
CA HIS B 212 16.60 -5.72 20.71
C HIS B 212 16.27 -5.48 22.18
N PRO B 213 17.15 -4.92 22.99
CA PRO B 213 16.91 -4.67 24.38
C PRO B 213 15.55 -3.99 24.57
N ASN B 214 15.23 -2.91 23.89
CA ASN B 214 13.93 -2.30 24.10
C ASN B 214 12.77 -3.01 23.45
N GLY B 215 12.79 -4.18 22.86
CA GLY B 215 11.61 -4.82 22.33
C GLY B 215 11.73 -5.75 21.19
N ASN B 216 11.28 -7.01 21.14
CA ASN B 216 11.46 -7.82 19.93
C ASN B 216 10.41 -7.46 18.91
N LYS B 217 10.53 -7.53 17.60
CA LYS B 217 9.49 -7.17 16.64
C LYS B 217 9.49 -8.18 15.48
N GLU B 218 8.39 -8.31 14.78
CA GLU B 218 8.15 -9.17 13.66
C GLU B 218 7.58 -8.36 12.47
N LYS B 219 7.73 -8.89 11.26
CA LYS B 219 7.17 -8.33 10.05
C LYS B 219 7.19 -9.35 8.92
N ASN B 220 6.03 -9.50 8.26
CA ASN B 220 5.97 -10.45 7.15
C ASN B 220 6.39 -9.70 5.87
N VAL B 221 7.23 -10.41 5.13
CA VAL B 221 7.77 -9.82 3.90
C VAL B 221 7.20 -10.60 2.71
N PRO B 222 6.38 -9.95 1.92
CA PRO B 222 5.73 -10.55 0.77
C PRO B 222 6.63 -11.11 -0.30
N LEU B 223 6.23 -12.15 -1.02
CA LEU B 223 6.99 -12.73 -2.11
C LEU B 223 6.53 -12.08 -3.42
N PRO B 224 7.49 -11.84 -4.30
CA PRO B 224 7.31 -11.03 -5.51
C PRO B 224 6.92 -11.92 -6.68
N VAL B 225 6.55 -11.35 -7.81
CA VAL B 225 6.22 -12.17 -8.98
C VAL B 225 6.51 -11.49 -10.31
N GLU C 1 -47.65 14.62 -33.46
CA GLU C 1 -48.21 13.87 -32.37
C GLU C 1 -48.82 14.72 -31.28
N ILE C 2 -49.75 14.06 -30.55
CA ILE C 2 -50.26 14.78 -29.38
C ILE C 2 -49.23 14.68 -28.27
N VAL C 3 -48.87 15.69 -27.55
CA VAL C 3 -47.91 15.65 -26.46
C VAL C 3 -48.67 15.63 -25.16
N LEU C 4 -48.27 14.88 -24.13
CA LEU C 4 -49.06 14.82 -22.91
C LEU C 4 -48.14 15.26 -21.80
N THR C 5 -48.56 16.14 -20.89
CA THR C 5 -47.58 16.62 -19.94
C THR C 5 -48.10 16.32 -18.56
N GLN C 6 -47.33 15.67 -17.69
CA GLN C 6 -47.88 15.23 -16.43
C GLN C 6 -47.46 16.06 -15.25
N SER C 7 -48.23 16.52 -14.26
CA SER C 7 -47.57 17.25 -13.18
C SER C 7 -48.33 17.02 -11.90
N PRO C 8 -47.66 17.25 -10.77
CA PRO C 8 -46.24 17.58 -10.80
C PRO C 8 -45.44 16.35 -11.26
N ALA C 9 -44.13 16.42 -11.18
CA ALA C 9 -43.19 15.37 -11.54
C ALA C 9 -42.96 14.50 -10.30
N THR C 10 -42.97 15.08 -9.10
CA THR C 10 -42.82 14.32 -7.86
C THR C 10 -43.87 14.80 -6.86
N LEU C 11 -44.44 13.90 -6.09
CA LEU C 11 -45.49 14.12 -5.15
C LEU C 11 -45.05 13.51 -3.82
N SER C 12 -44.90 14.28 -2.75
CA SER C 12 -44.56 13.63 -1.48
C SER C 12 -45.76 13.67 -0.56
N LEU C 13 -46.37 12.52 -0.29
CA LEU C 13 -47.54 12.46 0.55
C LEU C 13 -47.31 11.49 1.68
N SER C 14 -48.28 11.38 2.60
CA SER C 14 -48.12 10.32 3.58
C SER C 14 -49.15 9.24 3.40
N PRO C 15 -48.83 8.05 3.91
CA PRO C 15 -49.79 6.95 3.87
C PRO C 15 -51.07 7.51 4.44
N GLY C 16 -52.23 7.26 3.89
CA GLY C 16 -53.51 7.75 4.36
C GLY C 16 -53.97 9.02 3.69
N GLU C 17 -53.10 9.79 3.08
CA GLU C 17 -53.51 11.06 2.50
C GLU C 17 -54.11 10.79 1.13
N ARG C 18 -54.53 11.82 0.45
CA ARG C 18 -55.13 11.76 -0.85
C ARG C 18 -54.15 12.27 -1.91
N ALA C 19 -54.07 11.59 -3.04
CA ALA C 19 -53.21 12.06 -4.09
C ALA C 19 -54.07 12.38 -5.30
N THR C 20 -53.73 13.45 -5.99
CA THR C 20 -54.41 13.82 -7.22
C THR C 20 -53.33 14.21 -8.23
N LEU C 21 -53.32 13.55 -9.42
CA LEU C 21 -52.30 13.74 -10.44
C LEU C 21 -52.85 14.22 -11.79
N SER C 22 -52.17 15.14 -12.49
CA SER C 22 -52.64 15.59 -13.78
C SER C 22 -51.99 15.06 -15.08
N CYS C 23 -52.77 15.10 -16.16
CA CYS C 23 -52.23 14.71 -17.44
C CYS C 23 -52.86 15.67 -18.45
N GLY C 24 -52.10 16.67 -18.91
CA GLY C 24 -52.63 17.61 -19.86
C GLY C 24 -52.39 17.22 -21.28
N ALA C 25 -53.30 17.22 -22.24
CA ALA C 25 -52.98 16.90 -23.62
C ALA C 25 -52.75 18.19 -24.43
N SER C 26 -52.14 18.20 -25.60
CA SER C 26 -51.87 19.47 -26.29
C SER C 26 -52.93 19.66 -27.37
N GLN C 27 -53.80 18.69 -27.49
CA GLN C 27 -54.91 18.66 -28.41
C GLN C 27 -56.04 17.93 -27.68
N SER C 28 -57.26 17.97 -28.15
CA SER C 28 -58.23 17.21 -27.35
C SER C 28 -58.15 15.77 -27.86
N VAL C 29 -58.48 14.86 -26.96
CA VAL C 29 -58.40 13.45 -27.26
C VAL C 29 -59.76 12.88 -27.57
N SER C 30 -59.93 12.29 -28.73
CA SER C 30 -61.20 11.69 -29.11
C SER C 30 -61.71 10.65 -28.15
N SER C 31 -62.99 10.72 -27.90
CA SER C 31 -63.82 9.85 -27.13
C SER C 31 -63.30 9.53 -25.75
N ASN C 32 -62.44 10.34 -25.15
CA ASN C 32 -61.97 10.05 -23.81
C ASN C 32 -61.16 8.77 -23.74
N TYR C 33 -60.53 8.48 -24.87
CA TYR C 33 -59.62 7.39 -25.05
C TYR C 33 -58.30 7.63 -24.36
N LEU C 34 -58.27 7.63 -23.05
CA LEU C 34 -57.10 7.85 -22.25
C LEU C 34 -56.95 6.71 -21.22
N ALA C 35 -55.72 6.20 -20.94
CA ALA C 35 -55.55 5.18 -19.92
C ALA C 35 -54.51 5.43 -18.85
N TRP C 36 -54.46 4.74 -17.71
CA TRP C 36 -53.40 5.06 -16.74
C TRP C 36 -52.67 3.77 -16.33
N TYR C 37 -51.32 3.83 -16.22
CA TYR C 37 -50.62 2.63 -15.79
C TYR C 37 -49.78 2.84 -14.52
N GLN C 38 -49.54 1.76 -13.78
CA GLN C 38 -48.69 1.89 -12.60
C GLN C 38 -47.32 1.25 -12.90
N GLN C 39 -46.20 1.69 -12.36
CA GLN C 39 -44.94 1.08 -12.69
C GLN C 39 -44.09 1.07 -11.41
N LYS C 40 -43.59 -0.09 -11.07
CA LYS C 40 -42.68 -0.36 -9.96
C LYS C 40 -41.30 -0.77 -10.52
N PRO C 41 -40.23 -0.42 -9.84
CA PRO C 41 -38.86 -0.62 -10.34
C PRO C 41 -38.50 -1.99 -10.82
N GLY C 42 -38.07 -2.11 -12.07
CA GLY C 42 -37.81 -3.39 -12.72
C GLY C 42 -38.99 -4.21 -13.18
N GLN C 43 -40.18 -3.61 -13.32
CA GLN C 43 -41.37 -4.34 -13.74
C GLN C 43 -42.05 -3.73 -14.96
N ALA C 44 -42.89 -4.51 -15.63
CA ALA C 44 -43.62 -3.90 -16.75
C ALA C 44 -44.75 -3.05 -16.21
N PRO C 45 -45.23 -2.12 -17.01
CA PRO C 45 -46.33 -1.26 -16.56
C PRO C 45 -47.56 -2.09 -16.34
N ARG C 46 -48.38 -1.79 -15.37
CA ARG C 46 -49.68 -2.49 -15.14
C ARG C 46 -50.90 -1.59 -15.45
N LEU C 47 -51.92 -1.99 -16.20
CA LEU C 47 -53.11 -1.21 -16.54
C LEU C 47 -54.00 -0.90 -15.32
N LEU C 48 -54.37 0.35 -15.03
CA LEU C 48 -55.29 0.62 -13.96
C LEU C 48 -56.67 1.10 -14.45
N ILE C 49 -56.70 2.11 -15.33
CA ILE C 49 -57.92 2.73 -15.86
C ILE C 49 -57.96 2.78 -17.38
N TYR C 50 -59.13 2.52 -18.01
CA TYR C 50 -59.13 2.65 -19.47
C TYR C 50 -60.40 3.46 -19.79
N ASP C 51 -60.40 4.14 -20.95
CA ASP C 51 -61.47 5.05 -21.34
C ASP C 51 -61.71 6.15 -20.35
N ALA C 52 -60.66 6.80 -19.85
CA ALA C 52 -60.70 7.91 -18.92
C ALA C 52 -61.29 7.64 -17.56
N SER C 53 -62.29 6.79 -17.41
CA SER C 53 -62.81 6.59 -16.07
C SER C 53 -63.23 5.19 -15.73
N SER C 54 -63.22 4.19 -16.59
CA SER C 54 -63.47 2.82 -16.13
C SER C 54 -62.23 2.18 -15.52
N ARG C 55 -62.45 1.26 -14.61
CA ARG C 55 -61.46 0.57 -13.81
C ARG C 55 -61.16 -0.84 -14.31
N ALA C 56 -59.92 -1.32 -14.37
CA ALA C 56 -59.57 -2.66 -14.88
C ALA C 56 -59.87 -3.79 -13.90
N THR C 57 -60.16 -5.02 -14.26
CA THR C 57 -60.52 -5.98 -13.20
C THR C 57 -59.43 -6.08 -12.13
N GLY C 58 -59.91 -6.36 -10.95
CA GLY C 58 -58.99 -6.52 -9.79
C GLY C 58 -58.57 -5.17 -9.26
N ILE C 59 -58.92 -3.99 -9.80
CA ILE C 59 -58.33 -2.76 -9.24
C ILE C 59 -59.21 -2.21 -8.17
N PRO C 60 -58.60 -1.93 -7.02
CA PRO C 60 -59.34 -1.42 -5.87
C PRO C 60 -60.06 -0.14 -6.16
N ASP C 61 -61.27 0.06 -5.67
CA ASP C 61 -62.00 1.28 -5.98
C ASP C 61 -61.45 2.53 -5.30
N ARG C 62 -60.27 2.56 -4.65
CA ARG C 62 -59.71 3.85 -4.22
C ARG C 62 -59.05 4.51 -5.46
N PHE C 63 -58.95 3.78 -6.58
CA PHE C 63 -58.41 4.46 -7.73
C PHE C 63 -59.59 4.96 -8.55
N SER C 64 -59.50 6.25 -8.94
CA SER C 64 -60.54 6.65 -9.91
C SER C 64 -60.05 7.74 -10.84
N GLY C 65 -60.60 7.71 -12.07
CA GLY C 65 -60.13 8.70 -13.03
C GLY C 65 -61.23 9.49 -13.70
N SER C 66 -61.03 10.78 -13.89
CA SER C 66 -61.99 11.56 -14.62
C SER C 66 -61.30 12.60 -15.52
N GLY C 67 -62.14 13.26 -16.33
CA GLY C 67 -61.77 14.29 -17.24
C GLY C 67 -62.39 14.05 -18.60
N SER C 68 -62.01 14.89 -19.53
CA SER C 68 -62.36 14.83 -20.94
C SER C 68 -61.72 16.06 -21.61
N GLY C 69 -61.56 15.95 -22.93
CA GLY C 69 -60.98 17.01 -23.68
C GLY C 69 -59.46 17.02 -23.70
N THR C 70 -58.86 17.84 -22.87
CA THR C 70 -57.43 17.99 -22.85
C THR C 70 -56.89 17.97 -21.44
N ASP C 71 -57.80 17.84 -20.47
CA ASP C 71 -57.39 17.77 -19.07
C ASP C 71 -58.01 16.57 -18.38
N PHE C 72 -57.22 15.57 -18.02
CA PHE C 72 -57.66 14.30 -17.43
C PHE C 72 -56.92 14.19 -16.12
N THR C 73 -57.46 13.59 -15.09
CA THR C 73 -56.80 13.60 -13.78
C THR C 73 -57.02 12.25 -13.13
N LEU C 74 -56.17 11.80 -12.22
CA LEU C 74 -56.26 10.53 -11.55
C LEU C 74 -56.22 10.80 -10.05
N THR C 75 -57.17 10.20 -9.33
CA THR C 75 -57.28 10.40 -7.88
C THR C 75 -57.08 9.07 -7.16
N ILE C 76 -56.33 9.10 -6.07
CA ILE C 76 -56.13 7.87 -5.29
C ILE C 76 -56.62 8.43 -3.96
N SER C 77 -57.82 8.12 -3.51
CA SER C 77 -58.32 8.74 -2.30
C SER C 77 -57.64 8.41 -0.99
N ARG C 78 -56.87 7.35 -0.82
CA ARG C 78 -56.26 7.12 0.50
C ARG C 78 -54.96 6.37 0.31
N LEU C 79 -53.81 7.04 0.23
CA LEU C 79 -52.60 6.32 -0.08
C LEU C 79 -52.40 5.10 0.82
N GLU C 80 -52.23 3.97 0.17
CA GLU C 80 -51.88 2.75 0.95
C GLU C 80 -50.44 2.46 0.67
N PRO C 81 -49.71 1.71 1.43
CA PRO C 81 -48.28 1.50 1.22
C PRO C 81 -47.93 0.92 -0.13
N GLU C 82 -48.62 -0.01 -0.71
CA GLU C 82 -48.25 -0.49 -2.03
C GLU C 82 -48.52 0.58 -3.09
N ASP C 83 -49.21 1.70 -2.86
CA ASP C 83 -49.49 2.69 -3.85
C ASP C 83 -48.30 3.55 -4.26
N PHE C 84 -47.25 3.64 -3.46
CA PHE C 84 -46.16 4.54 -3.83
C PHE C 84 -45.44 4.04 -5.08
N ALA C 85 -45.46 4.77 -6.19
CA ALA C 85 -44.73 4.28 -7.39
C ALA C 85 -44.79 5.32 -8.50
N VAL C 86 -44.59 4.96 -9.75
CA VAL C 86 -44.61 5.90 -10.86
C VAL C 86 -45.85 5.69 -11.75
N TYR C 87 -46.56 6.74 -12.14
CA TYR C 87 -47.79 6.56 -12.89
C TYR C 87 -47.71 7.20 -14.25
N TYR C 88 -48.09 6.50 -15.33
CA TYR C 88 -48.08 7.15 -16.63
C TYR C 88 -49.50 7.31 -17.14
N CYS C 89 -49.79 8.29 -17.99
CA CYS C 89 -51.05 8.33 -18.73
C CYS C 89 -50.79 7.97 -20.18
N GLN C 90 -51.76 7.53 -20.99
CA GLN C 90 -51.45 7.28 -22.42
C GLN C 90 -52.63 7.59 -23.33
N GLN C 91 -52.49 8.22 -24.49
CA GLN C 91 -53.72 8.54 -25.26
C GLN C 91 -53.82 7.60 -26.44
N TYR C 92 -54.93 7.08 -26.84
CA TYR C 92 -55.04 6.15 -27.97
C TYR C 92 -56.19 6.61 -28.87
N GLY C 93 -56.48 7.90 -28.80
CA GLY C 93 -57.47 8.51 -29.66
C GLY C 93 -56.97 8.79 -31.06
N SER C 94 -55.66 8.76 -31.35
CA SER C 94 -55.18 9.04 -32.69
C SER C 94 -53.70 8.71 -32.76
N SER C 95 -53.23 8.12 -33.86
CA SER C 95 -51.84 7.75 -33.99
C SER C 95 -50.93 8.95 -34.22
N PRO C 96 -49.66 8.80 -33.96
CA PRO C 96 -49.20 7.64 -33.24
C PRO C 96 -49.69 7.58 -31.81
N LEU C 97 -49.81 6.43 -31.17
CA LEU C 97 -50.15 6.36 -29.75
C LEU C 97 -49.16 7.07 -28.87
N THR C 98 -49.38 7.84 -27.85
CA THR C 98 -48.29 8.49 -27.12
C THR C 98 -48.47 8.35 -25.61
N PHE C 99 -47.53 8.66 -24.73
CA PHE C 99 -47.47 8.54 -23.30
C PHE C 99 -46.95 9.82 -22.67
N GLY C 100 -47.28 10.19 -21.47
CA GLY C 100 -46.78 11.39 -20.78
C GLY C 100 -45.48 10.95 -20.06
N GLY C 101 -44.82 11.91 -19.42
CA GLY C 101 -43.55 11.66 -18.77
C GLY C 101 -43.53 10.99 -17.42
N GLY C 102 -44.70 10.84 -16.78
CA GLY C 102 -44.72 10.08 -15.54
C GLY C 102 -44.70 11.00 -14.35
N THR C 103 -45.37 10.59 -13.25
CA THR C 103 -45.28 11.38 -12.03
C THR C 103 -44.91 10.41 -10.90
N LYS C 104 -43.92 10.64 -10.05
CA LYS C 104 -43.57 9.66 -9.04
C LYS C 104 -44.16 10.11 -7.71
N VAL C 105 -44.77 9.20 -6.96
CA VAL C 105 -45.38 9.48 -5.69
C VAL C 105 -44.49 8.83 -4.64
N GLU C 106 -43.79 9.62 -3.86
CA GLU C 106 -42.83 9.23 -2.83
C GLU C 106 -43.34 9.47 -1.41
N ILE C 107 -42.80 8.76 -0.42
CA ILE C 107 -43.26 8.87 0.95
C ILE C 107 -42.63 10.09 1.62
N LYS C 108 -43.49 10.85 2.29
CA LYS C 108 -43.00 12.05 2.97
C LYS C 108 -42.63 11.64 4.38
N ARG C 109 -41.56 12.22 4.88
CA ARG C 109 -41.10 12.00 6.25
C ARG C 109 -40.36 13.27 6.72
N THR C 110 -39.81 13.15 7.92
CA THR C 110 -39.11 14.23 8.60
C THR C 110 -37.73 14.41 8.03
N VAL C 111 -37.30 15.62 7.77
CA VAL C 111 -36.03 15.88 7.14
C VAL C 111 -34.93 15.21 7.95
N ALA C 112 -33.95 14.73 7.20
CA ALA C 112 -32.79 14.06 7.81
C ALA C 112 -31.57 14.37 6.93
N ALA C 113 -30.58 14.96 7.61
CA ALA C 113 -29.33 15.40 7.03
C ALA C 113 -28.42 14.17 6.93
N PRO C 114 -27.64 14.10 5.87
CA PRO C 114 -26.86 12.94 5.56
C PRO C 114 -25.59 12.84 6.40
N SER C 115 -25.01 11.64 6.38
CA SER C 115 -23.73 11.37 6.99
C SER C 115 -22.76 11.47 5.80
N VAL C 116 -21.64 12.15 5.85
CA VAL C 116 -20.73 12.18 4.70
C VAL C 116 -19.46 11.36 4.89
N PHE C 117 -19.01 10.63 3.86
CA PHE C 117 -17.78 9.86 3.92
C PHE C 117 -16.86 10.19 2.74
N ILE C 118 -15.54 10.23 3.01
CA ILE C 118 -14.62 10.46 1.89
C ILE C 118 -13.60 9.33 1.80
N PHE C 119 -13.30 8.89 0.58
CA PHE C 119 -12.36 7.83 0.27
C PHE C 119 -11.36 8.18 -0.83
N PRO C 120 -10.09 7.97 -0.61
CA PRO C 120 -9.05 8.19 -1.60
C PRO C 120 -8.93 7.01 -2.54
N PRO C 121 -8.18 7.20 -3.63
CA PRO C 121 -7.94 6.12 -4.57
C PRO C 121 -7.11 5.03 -3.92
N SER C 122 -7.18 3.84 -4.47
CA SER C 122 -6.38 2.71 -3.99
C SER C 122 -5.03 2.76 -4.70
N ASP C 123 -4.02 2.18 -4.07
CA ASP C 123 -2.70 2.06 -4.70
C ASP C 123 -2.79 1.25 -5.99
N GLU C 124 -3.51 0.14 -5.95
CA GLU C 124 -3.73 -0.66 -7.13
C GLU C 124 -4.33 0.13 -8.30
N GLN C 125 -5.39 0.88 -7.91
CA GLN C 125 -6.04 1.70 -8.92
C GLN C 125 -5.02 2.73 -9.44
N LEU C 126 -4.27 3.32 -8.51
CA LEU C 126 -3.30 4.31 -8.95
C LEU C 126 -2.27 3.73 -9.92
N LYS C 127 -1.76 2.56 -9.57
CA LYS C 127 -0.86 1.81 -10.43
C LYS C 127 -1.32 1.60 -11.86
N SER C 128 -2.61 1.61 -12.15
CA SER C 128 -3.11 1.44 -13.51
C SER C 128 -3.24 2.74 -14.28
N GLY C 129 -3.00 3.89 -13.63
CA GLY C 129 -3.08 5.16 -14.32
C GLY C 129 -4.26 6.09 -14.17
N THR C 130 -5.35 5.70 -13.48
CA THR C 130 -6.44 6.65 -13.24
C THR C 130 -6.67 6.76 -11.73
N ALA C 131 -7.35 7.83 -11.34
CA ALA C 131 -7.58 8.11 -9.93
C ALA C 131 -9.07 8.41 -9.73
N SER C 132 -9.66 7.71 -8.78
CA SER C 132 -11.06 7.96 -8.52
C SER C 132 -11.14 8.25 -7.03
N VAL C 133 -11.67 9.40 -6.70
CA VAL C 133 -11.90 9.83 -5.33
C VAL C 133 -13.42 9.73 -5.14
N VAL C 134 -13.92 9.29 -4.00
CA VAL C 134 -15.30 8.92 -3.84
C VAL C 134 -15.87 9.58 -2.62
N CYS C 135 -16.99 10.29 -2.79
CA CYS C 135 -17.71 10.89 -1.68
C CYS C 135 -19.06 10.17 -1.61
N LEU C 136 -19.48 9.86 -0.39
CA LEU C 136 -20.67 9.07 -0.12
C LEU C 136 -21.62 9.64 0.91
N LEU C 137 -22.77 10.25 0.55
CA LEU C 137 -23.66 10.76 1.58
C LEU C 137 -24.72 9.73 1.91
N ASN C 138 -25.03 9.34 3.13
CA ASN C 138 -26.05 8.40 3.49
C ASN C 138 -27.23 8.88 4.32
N ASN C 139 -28.32 8.15 4.12
CA ASN C 139 -29.57 8.35 4.85
C ASN C 139 -30.09 9.77 4.95
N PHE C 140 -30.39 10.45 3.84
CA PHE C 140 -30.96 11.77 4.00
C PHE C 140 -32.34 11.92 3.40
N TYR C 141 -33.07 12.94 3.83
CA TYR C 141 -34.39 13.28 3.32
C TYR C 141 -34.59 14.78 3.55
N PRO C 142 -35.19 15.50 2.63
CA PRO C 142 -35.60 14.98 1.36
C PRO C 142 -34.38 14.65 0.50
N ARG C 143 -34.67 14.48 -0.77
CA ARG C 143 -33.74 13.98 -1.76
C ARG C 143 -32.75 14.96 -2.34
N GLU C 144 -33.14 16.22 -2.41
CA GLU C 144 -32.28 17.24 -3.02
C GLU C 144 -31.04 17.47 -2.19
N ALA C 145 -29.90 17.52 -2.83
CA ALA C 145 -28.61 17.69 -2.16
C ALA C 145 -27.60 18.04 -3.24
N LYS C 146 -26.72 18.98 -2.94
CA LYS C 146 -25.68 19.41 -3.85
C LYS C 146 -24.33 18.86 -3.43
N VAL C 147 -23.51 18.28 -4.31
CA VAL C 147 -22.14 17.96 -3.86
C VAL C 147 -21.14 18.71 -4.76
N GLN C 148 -20.19 19.43 -4.15
CA GLN C 148 -19.20 20.17 -4.92
C GLN C 148 -17.83 19.67 -4.47
N TRP C 149 -17.00 19.42 -5.46
CA TRP C 149 -15.64 18.94 -5.23
C TRP C 149 -14.65 20.09 -5.19
N LYS C 150 -13.73 19.97 -4.23
CA LYS C 150 -12.66 20.99 -4.17
C LYS C 150 -11.27 20.41 -4.07
N VAL C 151 -10.42 20.81 -5.03
CA VAL C 151 -9.00 20.41 -5.04
C VAL C 151 -8.10 21.64 -4.82
N ASP C 152 -7.67 21.84 -3.58
CA ASP C 152 -6.87 23.03 -3.25
C ASP C 152 -7.77 24.22 -3.54
N ASN C 153 -8.96 24.20 -2.96
CA ASN C 153 -10.07 25.10 -3.20
C ASN C 153 -10.16 25.65 -4.61
N ALA C 154 -10.06 24.83 -5.64
CA ALA C 154 -10.27 25.32 -7.00
C ALA C 154 -11.50 24.60 -7.59
N LEU C 155 -12.65 25.01 -7.09
CA LEU C 155 -13.95 24.51 -7.51
C LEU C 155 -13.87 23.76 -8.85
N GLN C 156 -14.03 22.44 -8.77
CA GLN C 156 -13.91 21.57 -9.94
C GLN C 156 -15.16 21.58 -10.77
N SER C 157 -15.17 20.97 -11.95
CA SER C 157 -16.40 20.99 -12.75
C SER C 157 -16.35 20.12 -13.98
N GLY C 158 -17.44 19.46 -14.33
CA GLY C 158 -17.50 18.61 -15.51
C GLY C 158 -16.73 17.31 -15.49
N ASN C 159 -16.28 16.87 -14.33
CA ASN C 159 -15.56 15.61 -14.16
C ASN C 159 -16.03 14.80 -12.95
N SER C 160 -17.34 14.82 -12.65
CA SER C 160 -17.83 13.99 -11.54
C SER C 160 -19.18 13.42 -11.95
N GLN C 161 -19.48 12.27 -11.38
CA GLN C 161 -20.75 11.61 -11.72
C GLN C 161 -21.39 11.21 -10.41
N GLU C 162 -22.69 11.37 -10.38
CA GLU C 162 -23.48 11.06 -9.19
C GLU C 162 -24.46 9.94 -9.53
N SER C 163 -24.85 9.29 -8.48
CA SER C 163 -25.84 8.23 -8.62
C SER C 163 -26.66 8.24 -7.33
N VAL C 164 -28.00 8.13 -7.45
CA VAL C 164 -28.89 8.12 -6.32
C VAL C 164 -29.70 6.83 -6.17
N THR C 165 -29.89 6.41 -4.88
CA THR C 165 -30.63 5.21 -4.61
C THR C 165 -32.12 5.46 -4.65
N GLU C 166 -32.91 4.42 -4.53
CA GLU C 166 -34.37 4.43 -4.47
C GLU C 166 -34.76 4.60 -3.01
N GLN C 167 -35.83 5.31 -2.72
CA GLN C 167 -36.19 5.56 -1.31
C GLN C 167 -36.09 4.24 -0.59
N ASP C 168 -35.38 4.13 0.51
CA ASP C 168 -35.23 2.92 1.30
C ASP C 168 -36.52 2.46 1.96
N SER C 169 -36.75 1.16 1.91
CA SER C 169 -37.99 0.62 2.50
C SER C 169 -37.99 0.48 4.02
N LYS C 170 -36.87 0.58 4.72
CA LYS C 170 -36.97 0.59 6.18
C LYS C 170 -37.35 2.00 6.64
N ASP C 171 -36.49 3.00 6.40
CA ASP C 171 -36.71 4.34 6.91
C ASP C 171 -37.02 5.45 5.93
N SER C 172 -37.26 5.09 4.68
CA SER C 172 -37.68 6.04 3.68
C SER C 172 -36.69 7.12 3.32
N THR C 173 -35.41 6.90 3.41
CA THR C 173 -34.40 7.94 3.18
C THR C 173 -33.70 7.66 1.86
N TYR C 174 -32.72 8.47 1.46
CA TYR C 174 -32.00 8.20 0.23
C TYR C 174 -30.49 8.20 0.52
N SER C 175 -29.69 7.65 -0.36
CA SER C 175 -28.27 7.63 -0.26
C SER C 175 -27.78 8.07 -1.66
N LEU C 176 -26.63 8.72 -1.70
CA LEU C 176 -26.10 9.21 -2.95
C LEU C 176 -24.59 9.01 -2.94
N SER C 177 -24.00 8.82 -4.11
CA SER C 177 -22.58 8.57 -4.22
C SER C 177 -21.97 9.41 -5.32
N SER C 178 -20.83 10.03 -5.03
CA SER C 178 -20.26 10.92 -6.06
C SER C 178 -18.83 10.54 -6.36
N THR C 179 -18.47 10.56 -7.65
CA THR C 179 -17.11 10.16 -8.02
C THR C 179 -16.34 11.23 -8.78
N LEU C 180 -15.18 11.55 -8.21
CA LEU C 180 -14.33 12.53 -8.94
C LEU C 180 -13.17 11.78 -9.58
N THR C 181 -13.02 11.84 -10.89
CA THR C 181 -12.05 11.00 -11.57
C THR C 181 -10.95 11.85 -12.23
N LEU C 182 -9.74 11.51 -11.81
CA LEU C 182 -8.56 12.20 -12.31
C LEU C 182 -7.53 11.20 -12.85
N SER C 183 -6.63 11.73 -13.66
CA SER C 183 -5.50 10.90 -14.06
C SER C 183 -4.46 10.96 -12.93
N LYS C 184 -3.65 9.89 -12.85
CA LYS C 184 -2.59 9.76 -11.87
C LYS C 184 -1.68 11.00 -11.87
N ALA C 185 -1.31 11.47 -13.06
CA ALA C 185 -0.51 12.70 -13.18
C ALA C 185 -1.17 13.78 -12.33
N ASP C 186 -2.37 14.14 -12.78
CA ASP C 186 -3.19 15.16 -12.12
C ASP C 186 -3.38 14.85 -10.66
N TYR C 187 -3.76 13.64 -10.30
CA TYR C 187 -3.90 13.43 -8.84
C TYR C 187 -2.62 13.82 -8.10
N GLU C 188 -1.46 13.32 -8.52
CA GLU C 188 -0.15 13.54 -7.92
C GLU C 188 0.17 15.01 -7.74
N LYS C 189 -0.05 15.74 -8.82
CA LYS C 189 0.12 17.17 -8.95
C LYS C 189 -0.55 18.02 -7.90
N HIS C 190 -1.58 17.70 -7.13
CA HIS C 190 -2.21 18.56 -6.15
C HIS C 190 -2.19 17.97 -4.75
N LYS C 191 -2.81 18.57 -3.75
CA LYS C 191 -2.66 18.10 -2.38
C LYS C 191 -3.90 17.98 -1.54
N VAL C 192 -4.76 19.04 -1.48
CA VAL C 192 -5.96 18.87 -0.65
C VAL C 192 -7.17 18.52 -1.52
N TYR C 193 -7.85 17.45 -1.09
CA TYR C 193 -8.99 16.98 -1.87
C TYR C 193 -10.21 17.09 -0.98
N ALA C 194 -11.20 17.85 -1.44
CA ALA C 194 -12.37 17.97 -0.53
C ALA C 194 -13.74 17.86 -1.21
N CYS C 195 -14.62 17.29 -0.39
CA CYS C 195 -16.03 17.12 -0.75
C CYS C 195 -16.94 17.97 0.11
N GLU C 196 -17.67 18.91 -0.50
CA GLU C 196 -18.52 19.89 0.16
C GLU C 196 -20.02 19.75 -0.15
N VAL C 197 -20.80 19.54 0.92
CA VAL C 197 -22.19 19.13 0.80
C VAL C 197 -23.22 20.12 1.33
N THR C 198 -24.19 20.52 0.50
CA THR C 198 -25.28 21.34 1.04
C THR C 198 -26.56 20.52 0.97
N HIS C 199 -27.34 20.57 2.02
CA HIS C 199 -28.58 19.90 2.28
C HIS C 199 -29.49 20.68 3.23
N GLN C 200 -30.77 20.87 2.85
CA GLN C 200 -31.66 21.58 3.77
C GLN C 200 -31.59 21.11 5.20
N GLY C 201 -31.22 19.93 5.66
CA GLY C 201 -31.20 19.64 7.09
C GLY C 201 -29.86 20.00 7.68
N LEU C 202 -29.05 20.75 6.95
CA LEU C 202 -27.78 21.29 7.41
C LEU C 202 -27.89 22.82 7.45
N SER C 203 -27.33 23.43 8.51
CA SER C 203 -27.44 24.90 8.63
C SER C 203 -26.38 25.59 7.78
N SER C 204 -25.23 24.94 7.62
CA SER C 204 -24.25 25.38 6.64
C SER C 204 -23.49 24.14 6.15
N PRO C 205 -22.96 24.27 4.95
CA PRO C 205 -22.34 23.15 4.27
C PRO C 205 -21.36 22.41 5.15
N VAL C 206 -21.21 21.12 4.87
CA VAL C 206 -20.25 20.26 5.56
C VAL C 206 -19.15 19.92 4.55
N THR C 207 -17.92 19.81 5.03
CA THR C 207 -16.78 19.51 4.20
C THR C 207 -15.97 18.40 4.83
N LYS C 208 -15.59 17.47 3.96
CA LYS C 208 -14.73 16.35 4.31
C LYS C 208 -13.58 16.34 3.29
N SER C 209 -12.38 16.05 3.80
CA SER C 209 -11.19 16.10 2.93
C SER C 209 -10.04 15.28 3.48
N PHE C 210 -9.04 15.02 2.67
CA PHE C 210 -7.86 14.29 3.15
C PHE C 210 -6.69 14.89 2.39
N ASN C 211 -5.45 14.66 2.84
CA ASN C 211 -4.28 15.17 2.11
C ASN C 211 -3.61 14.04 1.34
N ARG C 212 -3.16 14.16 0.08
CA ARG C 212 -2.51 13.01 -0.55
C ARG C 212 -1.55 12.37 0.46
N GLY C 213 -1.76 11.09 0.65
CA GLY C 213 -1.01 10.35 1.67
C GLY C 213 -1.72 10.50 3.01
N GLU C 214 -0.99 10.33 4.10
CA GLU C 214 -1.45 10.37 5.48
C GLU C 214 -2.76 9.63 5.67
N CYS C 215 -2.82 8.41 5.14
CA CYS C 215 -3.92 7.47 5.20
C CYS C 215 -3.29 6.05 5.18
N GLU D 1 -53.55 -15.54 -18.15
CA GLU D 1 -54.51 -15.92 -19.22
C GLU D 1 -53.59 -15.86 -20.44
N VAL D 2 -52.72 -14.88 -20.60
CA VAL D 2 -51.84 -14.94 -21.78
C VAL D 2 -50.37 -14.88 -21.39
N GLN D 3 -49.41 -15.62 -21.90
CA GLN D 3 -48.02 -15.48 -21.51
C GLN D 3 -47.25 -15.05 -22.77
N LEU D 4 -46.37 -14.09 -22.58
CA LEU D 4 -45.57 -13.54 -23.67
C LEU D 4 -44.09 -13.74 -23.42
N GLN D 5 -43.35 -14.53 -24.21
CA GLN D 5 -41.91 -14.70 -23.97
C GLN D 5 -41.07 -13.83 -24.88
N GLN D 6 -40.01 -13.21 -24.38
CA GLN D 6 -39.23 -12.43 -25.34
C GLN D 6 -37.78 -12.92 -25.40
N TRP D 7 -37.21 -12.89 -26.63
CA TRP D 7 -35.77 -13.14 -26.67
C TRP D 7 -35.11 -12.29 -27.76
N GLY D 8 -33.80 -12.14 -27.75
CA GLY D 8 -33.04 -11.44 -28.76
C GLY D 8 -31.71 -10.97 -28.25
N ALA D 9 -30.72 -10.77 -29.10
CA ALA D 9 -29.40 -10.25 -28.69
C ALA D 9 -29.43 -8.92 -27.93
N GLY D 10 -28.73 -8.79 -26.82
CA GLY D 10 -28.74 -7.64 -25.95
C GLY D 10 -27.63 -6.65 -25.96
N LEU D 11 -26.56 -6.87 -26.71
CA LEU D 11 -25.44 -5.95 -26.83
C LEU D 11 -25.10 -5.80 -28.30
N LEU D 12 -25.13 -4.66 -28.91
CA LEU D 12 -24.87 -4.44 -30.32
C LEU D 12 -23.90 -3.26 -30.49
N LYS D 13 -23.47 -3.03 -31.71
CA LYS D 13 -22.53 -1.98 -32.06
C LYS D 13 -23.19 -1.01 -33.02
N PRO D 14 -22.81 0.26 -32.88
CA PRO D 14 -23.33 1.30 -33.72
C PRO D 14 -23.42 0.86 -35.16
N SER D 15 -24.62 0.93 -35.66
CA SER D 15 -25.07 0.67 -37.00
C SER D 15 -25.29 -0.77 -37.40
N GLU D 16 -25.24 -1.66 -36.39
CA GLU D 16 -25.71 -3.04 -36.66
C GLU D 16 -27.27 -3.01 -36.64
N THR D 17 -27.92 -4.18 -36.85
CA THR D 17 -29.36 -4.14 -36.79
C THR D 17 -29.94 -4.98 -35.63
N LEU D 18 -30.89 -4.36 -34.91
CA LEU D 18 -31.41 -5.00 -33.69
C LEU D 18 -32.53 -5.91 -34.17
N SER D 19 -32.54 -7.08 -33.58
CA SER D 19 -33.61 -8.04 -33.90
C SER D 19 -34.21 -8.70 -32.67
N LEU D 20 -35.48 -8.67 -32.33
CA LEU D 20 -36.08 -9.25 -31.16
C LEU D 20 -37.29 -10.10 -31.51
N THR D 21 -37.67 -11.09 -30.74
CA THR D 21 -38.79 -11.93 -31.07
C THR D 21 -39.64 -12.13 -29.83
N CYS D 22 -40.93 -12.37 -29.98
CA CYS D 22 -41.86 -12.56 -28.87
C CYS D 22 -42.84 -13.63 -29.23
N ALA D 23 -42.98 -14.64 -28.42
CA ALA D 23 -43.85 -15.78 -28.63
C ALA D 23 -45.04 -15.77 -27.68
N VAL D 24 -46.20 -16.16 -28.19
CA VAL D 24 -47.43 -16.12 -27.40
C VAL D 24 -47.94 -17.47 -26.95
N TYR D 25 -48.14 -17.81 -25.66
CA TYR D 25 -48.82 -19.04 -25.27
C TYR D 25 -50.13 -18.62 -24.62
N GLY D 26 -51.32 -18.89 -25.18
CA GLY D 26 -52.47 -18.37 -24.43
C GLY D 26 -53.76 -18.09 -25.11
N GLY D 27 -54.16 -17.23 -26.00
CA GLY D 27 -55.62 -17.36 -26.35
C GLY D 27 -55.66 -17.51 -27.85
N SER D 28 -56.32 -16.65 -28.60
CA SER D 28 -56.23 -16.67 -30.02
C SER D 28 -55.02 -15.82 -30.43
N PHE D 29 -54.42 -16.13 -31.58
CA PHE D 29 -53.29 -15.24 -31.94
C PHE D 29 -53.83 -14.29 -32.98
N SER D 30 -55.03 -14.59 -33.43
CA SER D 30 -55.73 -14.03 -34.50
C SER D 30 -56.29 -12.66 -34.56
N ASP D 31 -56.96 -11.76 -33.93
CA ASP D 31 -57.31 -10.55 -34.78
C ASP D 31 -56.62 -9.34 -34.23
N TYR D 32 -56.06 -9.42 -33.04
CA TYR D 32 -55.40 -8.40 -32.28
C TYR D 32 -54.28 -7.67 -33.01
N TYR D 33 -53.99 -6.44 -32.70
CA TYR D 33 -52.88 -5.71 -33.20
C TYR D 33 -51.84 -5.85 -32.09
N TRP D 34 -50.76 -6.58 -32.31
CA TRP D 34 -49.70 -6.82 -31.35
C TRP D 34 -48.73 -5.68 -31.39
N SER D 35 -48.23 -5.13 -30.31
CA SER D 35 -47.34 -4.02 -30.36
C SER D 35 -45.90 -4.23 -29.90
N TRP D 36 -45.02 -3.31 -30.30
CA TRP D 36 -43.73 -3.16 -29.68
C TRP D 36 -43.68 -1.78 -29.04
N ILE D 37 -43.18 -1.68 -27.80
CA ILE D 37 -43.09 -0.36 -27.13
C ILE D 37 -41.69 -0.27 -26.51
N ARG D 38 -41.07 0.81 -26.09
CA ARG D 38 -39.78 0.70 -25.46
C ARG D 38 -39.58 1.82 -24.44
N GLN D 39 -38.59 1.74 -23.58
CA GLN D 39 -38.30 2.65 -22.53
C GLN D 39 -36.82 2.80 -22.20
N PRO D 40 -36.25 3.95 -22.55
CA PRO D 40 -34.88 4.32 -22.24
C PRO D 40 -34.79 4.45 -20.73
N PRO D 41 -33.68 4.06 -20.15
CA PRO D 41 -33.52 4.11 -18.70
C PRO D 41 -33.60 5.55 -18.24
N GLY D 42 -34.32 5.75 -17.14
CA GLY D 42 -34.61 7.10 -16.67
C GLY D 42 -35.75 7.76 -17.40
N LYS D 43 -36.06 7.54 -18.69
CA LYS D 43 -37.13 8.22 -19.39
C LYS D 43 -38.45 7.47 -19.47
N GLY D 44 -39.44 8.01 -20.17
CA GLY D 44 -40.75 7.44 -20.31
C GLY D 44 -40.87 6.45 -21.47
N LEU D 45 -42.07 5.98 -21.75
CA LEU D 45 -42.42 5.00 -22.75
C LEU D 45 -42.66 5.60 -24.11
N GLU D 46 -42.35 4.88 -25.19
CA GLU D 46 -42.59 5.31 -26.55
C GLU D 46 -43.05 4.13 -27.39
N TRP D 47 -44.16 4.22 -28.05
CA TRP D 47 -44.73 3.21 -28.90
C TRP D 47 -43.99 3.18 -30.25
N ILE D 48 -43.55 2.01 -30.72
CA ILE D 48 -42.90 1.86 -32.01
C ILE D 48 -43.86 1.42 -33.12
N GLY D 49 -44.80 0.47 -32.96
CA GLY D 49 -45.60 0.07 -34.07
C GLY D 49 -46.35 -1.22 -33.74
N GLU D 50 -47.26 -1.66 -34.65
CA GLU D 50 -48.03 -2.85 -34.37
C GLU D 50 -48.32 -3.63 -35.65
N ILE D 51 -48.82 -4.84 -35.50
CA ILE D 51 -49.20 -5.69 -36.63
C ILE D 51 -50.26 -6.73 -36.23
N ASN D 52 -51.04 -7.26 -37.19
CA ASN D 52 -52.02 -8.27 -36.96
C ASN D 52 -51.65 -9.51 -37.79
N HIS D 53 -52.47 -10.59 -37.64
CA HIS D 53 -52.09 -11.83 -38.32
C HIS D 53 -51.99 -11.79 -39.82
N SER D 54 -52.71 -10.82 -40.40
CA SER D 54 -52.71 -10.78 -41.85
C SER D 54 -51.68 -9.80 -42.39
N GLY D 55 -50.72 -9.32 -41.60
CA GLY D 55 -49.71 -8.46 -42.19
C GLY D 55 -50.01 -6.99 -42.18
N SER D 56 -51.17 -6.42 -41.90
CA SER D 56 -51.16 -4.96 -41.97
C SER D 56 -50.46 -4.39 -40.75
N THR D 57 -49.72 -3.30 -40.90
CA THR D 57 -49.02 -2.74 -39.78
C THR D 57 -49.29 -1.25 -39.60
N ASN D 58 -48.98 -0.60 -38.50
CA ASN D 58 -49.04 0.82 -38.33
C ASN D 58 -47.73 1.21 -37.59
N TYR D 59 -46.97 2.18 -38.07
CA TYR D 59 -45.80 2.58 -37.35
C TYR D 59 -45.78 4.00 -36.77
N ASN D 60 -45.05 4.21 -35.69
CA ASN D 60 -44.79 5.57 -35.27
C ASN D 60 -44.03 6.24 -36.39
N PRO D 61 -44.39 7.43 -36.84
CA PRO D 61 -43.68 8.10 -37.91
C PRO D 61 -42.30 8.56 -37.54
N SER D 62 -41.89 8.73 -36.30
CA SER D 62 -40.50 9.12 -36.05
C SER D 62 -39.51 7.96 -36.13
N LEU D 63 -39.81 6.76 -36.56
CA LEU D 63 -38.94 5.64 -36.64
C LEU D 63 -39.23 4.87 -37.93
N LYS D 64 -40.34 5.26 -38.57
CA LYS D 64 -40.82 4.61 -39.77
C LYS D 64 -39.77 4.29 -40.81
N SER D 65 -38.79 5.14 -41.10
CA SER D 65 -37.80 4.71 -42.07
C SER D 65 -36.97 3.53 -41.56
N ARG D 66 -36.53 3.49 -40.30
CA ARG D 66 -35.68 2.41 -39.83
C ARG D 66 -36.32 1.14 -39.31
N VAL D 67 -37.61 0.91 -39.32
CA VAL D 67 -38.24 -0.21 -38.62
C VAL D 67 -38.99 -1.20 -39.46
N THR D 68 -38.94 -2.47 -39.15
CA THR D 68 -39.76 -3.46 -39.83
C THR D 68 -40.38 -4.44 -38.82
N ILE D 69 -41.70 -4.67 -38.88
CA ILE D 69 -42.29 -5.60 -37.93
C ILE D 69 -42.85 -6.75 -38.74
N SER D 70 -42.78 -7.98 -38.25
CA SER D 70 -43.36 -9.04 -39.08
C SER D 70 -43.90 -10.22 -38.28
N VAL D 71 -44.71 -11.10 -38.86
CA VAL D 71 -45.35 -12.15 -38.14
C VAL D 71 -45.21 -13.53 -38.79
N ASP D 72 -45.12 -14.48 -37.85
CA ASP D 72 -45.07 -15.88 -38.22
C ASP D 72 -46.26 -16.61 -37.63
N THR D 73 -47.35 -16.66 -38.43
CA THR D 73 -48.57 -17.28 -37.92
C THR D 73 -48.40 -18.77 -37.70
N SER D 74 -47.48 -19.41 -38.34
CA SER D 74 -47.13 -20.82 -38.25
C SER D 74 -46.68 -21.24 -36.86
N LYS D 75 -45.96 -20.34 -36.18
CA LYS D 75 -45.42 -20.52 -34.85
C LYS D 75 -46.10 -19.61 -33.83
N ASN D 76 -46.96 -18.69 -34.27
CA ASN D 76 -47.55 -17.74 -33.33
C ASN D 76 -46.44 -16.85 -32.78
N GLN D 77 -45.61 -16.25 -33.61
CA GLN D 77 -44.58 -15.37 -33.05
C GLN D 77 -44.49 -14.08 -33.85
N PHE D 78 -43.96 -13.01 -33.31
CA PHE D 78 -43.86 -11.83 -34.19
C PHE D 78 -42.53 -11.18 -33.83
N SER D 79 -42.05 -10.26 -34.68
CA SER D 79 -40.73 -9.73 -34.32
C SER D 79 -40.41 -8.38 -34.90
N LEU D 80 -39.36 -7.79 -34.32
CA LEU D 80 -38.98 -6.45 -34.62
C LEU D 80 -37.56 -6.36 -35.14
N LYS D 81 -37.38 -5.46 -36.13
CA LYS D 81 -36.06 -5.20 -36.72
C LYS D 81 -35.86 -3.71 -36.79
N LEU D 82 -34.82 -3.20 -36.22
CA LEU D 82 -34.55 -1.77 -36.20
C LEU D 82 -33.13 -1.53 -36.64
N SER D 83 -32.98 -0.96 -37.82
CA SER D 83 -31.66 -0.85 -38.43
C SER D 83 -30.98 0.46 -38.07
N SER D 84 -29.69 0.42 -38.28
CA SER D 84 -28.73 1.44 -37.96
C SER D 84 -28.79 1.83 -36.50
N VAL D 85 -28.57 0.99 -35.51
CA VAL D 85 -28.77 1.59 -34.19
C VAL D 85 -27.72 2.63 -33.89
N THR D 86 -27.87 3.44 -32.87
CA THR D 86 -26.86 4.38 -32.39
C THR D 86 -27.05 4.30 -30.87
N ALA D 87 -26.30 4.97 -30.06
CA ALA D 87 -26.42 4.80 -28.61
C ALA D 87 -27.78 5.26 -28.13
N ALA D 88 -28.56 5.98 -28.90
CA ALA D 88 -29.86 6.44 -28.45
C ALA D 88 -30.91 5.32 -28.54
N ASP D 89 -30.62 4.18 -29.12
CA ASP D 89 -31.56 3.10 -29.15
C ASP D 89 -31.46 2.22 -27.93
N THR D 90 -30.54 2.44 -27.01
CA THR D 90 -30.46 1.59 -25.83
C THR D 90 -31.73 1.75 -25.04
N ALA D 91 -32.34 0.69 -24.54
CA ALA D 91 -33.60 0.72 -23.82
C ALA D 91 -34.14 -0.66 -23.45
N VAL D 92 -35.21 -0.72 -22.60
CA VAL D 92 -35.84 -2.03 -22.37
C VAL D 92 -36.93 -2.14 -23.43
N TYR D 93 -36.98 -3.17 -24.24
CA TYR D 93 -38.06 -3.27 -25.25
C TYR D 93 -39.16 -4.21 -24.80
N TYR D 94 -40.46 -4.04 -24.89
CA TYR D 94 -41.47 -4.94 -24.42
C TYR D 94 -42.44 -5.33 -25.50
N CYS D 95 -43.15 -6.43 -25.45
CA CYS D 95 -44.18 -6.69 -26.46
C CYS D 95 -45.50 -6.69 -25.63
N ALA D 96 -46.64 -6.44 -26.33
CA ALA D 96 -47.87 -6.29 -25.59
C ALA D 96 -49.13 -6.57 -26.40
N ARG D 97 -50.27 -6.85 -25.74
CA ARG D 97 -51.53 -7.01 -26.51
C ARG D 97 -52.69 -6.32 -25.80
N PRO D 98 -53.54 -5.70 -26.61
CA PRO D 98 -54.75 -5.03 -26.10
C PRO D 98 -55.74 -6.11 -25.68
N PRO D 99 -56.73 -5.81 -24.85
CA PRO D 99 -57.67 -6.80 -24.34
C PRO D 99 -58.67 -7.38 -25.35
N HIS D 100 -59.06 -6.71 -26.42
CA HIS D 100 -60.03 -7.18 -27.38
C HIS D 100 -59.64 -6.78 -28.81
N ASP D 101 -60.29 -7.31 -29.81
CA ASP D 101 -60.05 -7.04 -31.21
C ASP D 101 -60.70 -5.72 -31.63
N THR D 102 -61.72 -5.30 -30.92
CA THR D 102 -62.63 -4.30 -31.49
C THR D 102 -62.61 -3.07 -30.63
N SER D 103 -61.47 -2.73 -30.04
CA SER D 103 -61.43 -1.58 -29.17
C SER D 103 -60.20 -0.73 -29.08
N GLY D 104 -60.10 0.13 -28.08
CA GLY D 104 -58.95 0.98 -28.01
C GLY D 104 -57.68 0.11 -27.96
N HIS D 105 -56.65 0.73 -28.56
CA HIS D 105 -55.30 0.22 -28.38
C HIS D 105 -54.70 0.63 -27.05
N TYR D 106 -55.16 0.03 -25.93
CA TYR D 106 -54.43 0.16 -24.65
C TYR D 106 -54.03 -1.27 -24.29
N TRP D 107 -53.08 -1.54 -23.41
CA TRP D 107 -52.55 -2.90 -23.27
C TRP D 107 -52.67 -3.53 -21.93
N ASN D 108 -53.33 -4.68 -21.76
CA ASN D 108 -53.41 -5.29 -20.43
C ASN D 108 -52.46 -6.50 -20.30
N TYR D 109 -51.88 -7.05 -21.37
CA TYR D 109 -50.92 -8.13 -21.36
C TYR D 109 -49.57 -7.62 -21.90
N TRP D 110 -48.50 -7.82 -21.12
CA TRP D 110 -47.14 -7.39 -21.39
C TRP D 110 -46.07 -8.45 -21.41
N GLY D 111 -45.00 -8.36 -22.21
CA GLY D 111 -43.94 -9.38 -21.93
C GLY D 111 -43.09 -8.81 -20.82
N GLN D 112 -42.09 -9.45 -20.33
CA GLN D 112 -41.18 -9.02 -19.25
C GLN D 112 -40.12 -8.04 -19.72
N GLY D 113 -39.84 -7.83 -21.01
CA GLY D 113 -38.88 -6.85 -21.47
C GLY D 113 -37.46 -7.32 -21.67
N THR D 114 -36.76 -6.85 -22.68
CA THR D 114 -35.37 -7.23 -22.96
C THR D 114 -34.51 -6.00 -22.89
N LEU D 115 -33.47 -5.88 -22.10
CA LEU D 115 -32.67 -4.63 -22.19
C LEU D 115 -31.67 -4.75 -23.33
N VAL D 116 -31.64 -3.89 -24.31
CA VAL D 116 -30.70 -3.88 -25.43
C VAL D 116 -29.73 -2.71 -25.28
N THR D 117 -28.43 -2.90 -25.15
CA THR D 117 -27.48 -1.80 -24.94
C THR D 117 -26.74 -1.60 -26.28
N VAL D 118 -26.55 -0.40 -26.74
CA VAL D 118 -25.86 -0.22 -28.02
C VAL D 118 -24.56 0.51 -27.72
N SER D 119 -23.40 -0.09 -27.89
CA SER D 119 -22.16 0.61 -27.54
C SER D 119 -21.03 0.35 -28.50
N SER D 120 -19.95 1.14 -28.38
CA SER D 120 -18.79 0.86 -29.27
C SER D 120 -17.75 0.03 -28.50
N GLY D 121 -17.93 -0.22 -27.21
CA GLY D 121 -17.07 -1.08 -26.45
C GLY D 121 -17.14 -2.56 -26.74
N SER D 122 -16.84 -3.48 -25.86
CA SER D 122 -16.92 -4.91 -26.17
C SER D 122 -17.07 -5.55 -24.80
N ALA D 123 -17.89 -6.58 -24.68
CA ALA D 123 -18.18 -7.12 -23.37
C ALA D 123 -16.89 -7.10 -22.54
N SER D 124 -16.97 -6.92 -21.23
CA SER D 124 -15.81 -7.13 -20.40
C SER D 124 -16.21 -7.19 -18.94
N ALA D 125 -15.54 -7.95 -18.11
CA ALA D 125 -15.89 -8.08 -16.71
C ALA D 125 -15.28 -6.85 -16.00
N PRO D 126 -15.83 -6.57 -14.83
CA PRO D 126 -15.31 -5.48 -14.05
C PRO D 126 -13.90 -5.74 -13.51
N THR D 127 -13.16 -4.67 -13.22
CA THR D 127 -11.94 -4.78 -12.47
C THR D 127 -12.27 -4.09 -11.13
N LEU D 128 -11.91 -4.65 -9.99
CA LEU D 128 -12.28 -4.20 -8.68
C LEU D 128 -11.19 -3.57 -7.80
N PHE D 129 -11.46 -2.38 -7.24
CA PHE D 129 -10.48 -1.76 -6.36
C PHE D 129 -11.22 -1.53 -5.06
N PRO D 130 -10.54 -1.53 -3.92
CA PRO D 130 -11.19 -1.27 -2.64
C PRO D 130 -11.31 0.22 -2.31
N LEU D 131 -12.10 0.54 -1.29
CA LEU D 131 -12.29 1.91 -0.83
C LEU D 131 -12.13 1.91 0.69
N VAL D 132 -11.05 2.49 1.21
CA VAL D 132 -10.86 2.53 2.65
C VAL D 132 -10.90 4.00 3.03
N SER D 133 -11.46 4.33 4.20
CA SER D 133 -11.54 5.75 4.57
C SER D 133 -10.16 6.27 4.98
N CYS D 134 -9.88 7.54 4.66
CA CYS D 134 -8.52 8.04 4.83
C CYS D 134 -8.18 8.59 6.20
N VAL D 144 -18.07 2.48 11.16
CA VAL D 144 -17.08 2.70 10.12
C VAL D 144 -17.64 2.29 8.75
N ALA D 145 -17.02 2.87 7.71
CA ALA D 145 -17.46 2.65 6.35
C ALA D 145 -16.36 2.20 5.39
N VAL D 146 -16.59 1.05 4.76
CA VAL D 146 -15.67 0.56 3.72
C VAL D 146 -16.48 0.30 2.45
N GLY D 147 -15.83 0.38 1.29
CA GLY D 147 -16.52 0.26 0.02
C GLY D 147 -15.72 -0.44 -1.05
N CYS D 148 -16.35 -0.63 -2.23
CA CYS D 148 -15.74 -1.38 -3.33
C CYS D 148 -16.07 -0.77 -4.67
N LEU D 149 -15.23 -0.69 -5.67
CA LEU D 149 -15.46 -0.02 -6.93
C LEU D 149 -15.33 -0.97 -8.10
N ALA D 150 -16.40 -1.13 -8.87
CA ALA D 150 -16.39 -2.01 -10.02
C ALA D 150 -16.21 -1.11 -11.24
N GLN D 151 -15.22 -1.39 -12.05
CA GLN D 151 -15.03 -0.51 -13.18
C GLN D 151 -14.79 -1.17 -14.52
N ASP D 152 -15.00 -0.44 -15.59
CA ASP D 152 -14.93 -0.87 -16.95
C ASP D 152 -15.72 -2.10 -17.37
N PHE D 153 -16.99 -2.21 -16.97
CA PHE D 153 -17.77 -3.40 -17.38
C PHE D 153 -18.81 -3.08 -18.43
N LEU D 154 -19.18 -4.10 -19.20
CA LEU D 154 -20.20 -3.98 -20.27
C LEU D 154 -20.65 -5.34 -20.75
N PRO D 155 -21.91 -5.62 -20.87
CA PRO D 155 -23.00 -4.71 -20.56
C PRO D 155 -23.20 -4.54 -19.04
N ASP D 156 -24.19 -3.71 -18.72
CA ASP D 156 -24.54 -3.40 -17.37
C ASP D 156 -25.39 -4.40 -16.65
N SER D 157 -24.89 -5.49 -16.12
CA SER D 157 -25.61 -6.41 -15.28
C SER D 157 -24.62 -6.80 -14.18
N ILE D 158 -24.55 -6.09 -13.09
CA ILE D 158 -23.56 -6.45 -12.07
C ILE D 158 -24.32 -6.85 -10.81
N THR D 159 -23.73 -7.62 -9.89
CA THR D 159 -24.39 -7.98 -8.64
C THR D 159 -23.35 -7.94 -7.52
N PHE D 160 -23.69 -7.52 -6.30
CA PHE D 160 -22.64 -7.40 -5.29
C PHE D 160 -23.02 -8.22 -4.06
N SER D 161 -22.01 -8.74 -3.35
CA SER D 161 -22.35 -9.35 -2.06
C SER D 161 -21.07 -9.29 -1.23
N TRP D 162 -21.22 -9.12 0.06
CA TRP D 162 -20.09 -8.86 0.94
C TRP D 162 -19.97 -9.95 2.00
N LYS D 163 -18.77 -10.36 2.41
CA LYS D 163 -18.65 -11.36 3.47
C LYS D 163 -17.51 -11.07 4.46
N TYR D 164 -17.65 -11.62 5.67
CA TYR D 164 -16.60 -11.56 6.68
C TYR D 164 -15.57 -12.66 6.43
N LYS D 165 -14.50 -12.79 7.18
CA LYS D 165 -13.58 -13.93 6.96
C LYS D 165 -14.37 -15.22 7.11
N ASN D 166 -14.93 -15.41 8.29
CA ASN D 166 -15.76 -16.53 8.67
C ASN D 166 -16.93 -16.61 7.68
N ASN D 167 -16.71 -17.32 6.58
CA ASN D 167 -17.68 -17.40 5.51
C ASN D 167 -19.10 -17.28 6.06
N SER D 168 -19.77 -16.25 5.57
CA SER D 168 -21.07 -15.81 6.03
C SER D 168 -21.21 -14.36 5.57
N ASP D 169 -22.43 -13.85 5.69
CA ASP D 169 -22.76 -12.60 5.07
C ASP D 169 -22.79 -11.33 5.89
N ILE D 170 -22.31 -10.26 5.24
CA ILE D 170 -22.46 -8.93 5.83
C ILE D 170 -23.84 -8.50 5.36
N SER D 171 -24.54 -7.65 6.09
CA SER D 171 -25.87 -7.24 5.63
C SER D 171 -26.10 -5.75 5.76
N SER D 172 -25.21 -5.04 6.48
CA SER D 172 -25.27 -3.58 6.55
C SER D 172 -24.60 -3.10 5.25
N THR D 173 -25.39 -3.15 4.19
CA THR D 173 -24.99 -2.99 2.80
C THR D 173 -25.77 -1.95 2.02
N ARG D 174 -25.17 -1.40 0.98
CA ARG D 174 -25.86 -0.37 0.21
C ARG D 174 -25.22 -0.24 -1.17
N GLY D 175 -26.05 -0.32 -2.20
CA GLY D 175 -25.59 -0.30 -3.57
C GLY D 175 -26.28 0.72 -4.46
N PHE D 176 -25.54 1.35 -5.35
CA PHE D 176 -25.95 2.47 -6.17
C PHE D 176 -25.98 2.08 -7.64
N PRO D 177 -26.81 2.72 -8.43
CA PRO D 177 -26.96 2.44 -9.84
C PRO D 177 -25.67 2.72 -10.57
N SER D 178 -25.50 2.15 -11.75
CA SER D 178 -24.26 2.29 -12.50
C SER D 178 -24.20 3.61 -13.21
N VAL D 179 -22.98 4.01 -13.53
CA VAL D 179 -22.84 5.28 -14.24
C VAL D 179 -22.13 4.88 -15.53
N LEU D 180 -22.43 5.56 -16.60
CA LEU D 180 -21.92 5.35 -17.93
C LEU D 180 -20.83 6.33 -18.36
N ARG D 181 -19.56 5.97 -18.33
CA ARG D 181 -18.52 6.83 -18.83
C ARG D 181 -17.64 6.15 -19.89
N GLY D 182 -17.72 6.71 -21.10
CA GLY D 182 -16.92 6.33 -22.23
C GLY D 182 -17.26 4.97 -22.81
N GLY D 183 -18.53 4.73 -23.12
CA GLY D 183 -18.99 3.46 -23.64
C GLY D 183 -19.06 2.33 -22.63
N LYS D 184 -18.49 2.40 -21.44
CA LYS D 184 -18.51 1.35 -20.45
C LYS D 184 -19.01 1.83 -19.10
N TYR D 185 -19.24 1.04 -18.07
CA TYR D 185 -19.90 1.47 -16.85
C TYR D 185 -19.09 1.30 -15.58
N ALA D 186 -19.53 1.94 -14.52
CA ALA D 186 -18.85 1.84 -13.22
C ALA D 186 -19.86 1.80 -12.10
N ALA D 187 -19.49 1.36 -10.91
CA ALA D 187 -20.53 1.21 -9.90
C ALA D 187 -19.86 1.04 -8.54
N THR D 188 -20.49 1.41 -7.44
CA THR D 188 -19.82 1.41 -6.15
C THR D 188 -20.84 0.79 -5.20
N SER D 189 -20.32 0.18 -4.16
CA SER D 189 -21.13 -0.52 -3.15
C SER D 189 -20.52 -0.30 -1.76
N GLN D 190 -21.30 -0.06 -0.72
CA GLN D 190 -20.61 0.24 0.53
C GLN D 190 -21.14 -0.59 1.67
N VAL D 191 -20.29 -0.80 2.67
CA VAL D 191 -20.75 -1.47 3.88
C VAL D 191 -20.50 -0.50 5.04
N LEU D 192 -21.37 -0.60 6.04
CA LEU D 192 -21.24 0.22 7.24
C LEU D 192 -21.13 -0.71 8.45
N LEU D 193 -19.92 -0.78 9.00
CA LEU D 193 -19.60 -1.63 10.15
C LEU D 193 -19.46 -0.81 11.44
N PRO D 194 -20.03 -1.31 12.53
CA PRO D 194 -19.95 -0.68 13.85
C PRO D 194 -18.61 -0.88 14.54
N THR D 202 -9.32 -10.15 16.35
CA THR D 202 -9.63 -9.42 15.14
C THR D 202 -10.20 -10.33 14.04
N ASP D 203 -10.23 -9.72 12.87
CA ASP D 203 -10.54 -10.12 11.54
C ASP D 203 -9.78 -9.17 10.60
N GLU D 204 -8.82 -9.76 9.92
CA GLU D 204 -7.83 -9.14 9.07
C GLU D 204 -8.30 -8.28 7.91
N HIS D 205 -9.54 -8.31 7.48
CA HIS D 205 -10.07 -7.67 6.30
C HIS D 205 -11.54 -8.08 6.11
N VAL D 206 -12.16 -7.60 5.03
CA VAL D 206 -13.53 -7.99 4.70
C VAL D 206 -13.64 -8.28 3.21
N VAL D 207 -14.60 -9.07 2.73
CA VAL D 207 -14.62 -9.46 1.32
C VAL D 207 -15.72 -8.96 0.41
N CYS D 208 -15.28 -8.43 -0.76
CA CYS D 208 -16.23 -7.85 -1.74
C CYS D 208 -16.39 -8.70 -2.97
N LYS D 209 -17.52 -9.33 -3.20
CA LYS D 209 -17.76 -10.16 -4.39
C LYS D 209 -18.66 -9.59 -5.47
N VAL D 210 -18.42 -9.67 -6.78
CA VAL D 210 -19.37 -9.19 -7.77
C VAL D 210 -19.60 -10.26 -8.84
N GLN D 211 -20.74 -10.39 -9.43
CA GLN D 211 -21.08 -11.36 -10.44
C GLN D 211 -21.51 -10.68 -11.75
N HIS D 212 -21.07 -11.11 -12.91
CA HIS D 212 -21.26 -10.42 -14.17
C HIS D 212 -21.04 -11.44 -15.31
N PRO D 213 -21.77 -11.28 -16.39
CA PRO D 213 -21.78 -12.23 -17.48
C PRO D 213 -20.43 -12.75 -17.89
N ASN D 214 -19.54 -11.83 -18.24
CA ASN D 214 -18.18 -12.22 -18.55
C ASN D 214 -17.27 -12.51 -17.37
N GLY D 215 -17.68 -12.66 -16.12
CA GLY D 215 -16.82 -13.27 -15.12
C GLY D 215 -17.16 -12.95 -13.69
N ASN D 216 -17.08 -13.74 -12.67
CA ASN D 216 -17.29 -13.27 -11.30
C ASN D 216 -15.94 -12.81 -10.77
N LYS D 217 -15.79 -11.91 -9.80
CA LYS D 217 -14.51 -11.49 -9.28
C LYS D 217 -14.60 -11.27 -7.75
N GLU D 218 -13.51 -11.30 -7.02
CA GLU D 218 -13.46 -11.07 -5.59
C GLU D 218 -12.34 -10.03 -5.31
N LYS D 219 -12.34 -9.45 -4.13
CA LYS D 219 -11.30 -8.55 -3.69
C LYS D 219 -11.50 -8.42 -2.18
N ASN D 220 -10.40 -8.50 -1.45
CA ASN D 220 -10.51 -8.23 -0.03
C ASN D 220 -10.32 -6.71 0.13
N VAL D 221 -11.01 -6.18 1.10
CA VAL D 221 -10.95 -4.78 1.45
C VAL D 221 -10.45 -4.63 2.88
N PRO D 222 -9.26 -4.09 3.05
CA PRO D 222 -8.64 -3.90 4.34
C PRO D 222 -9.53 -3.18 5.33
N LEU D 223 -9.97 -3.95 6.33
CA LEU D 223 -10.67 -3.30 7.44
C LEU D 223 -9.62 -2.34 8.03
N PRO D 224 -10.05 -1.17 8.48
CA PRO D 224 -9.18 -0.18 9.06
C PRO D 224 -9.10 -0.22 10.57
N VAL D 225 -8.11 0.48 11.08
CA VAL D 225 -7.83 0.75 12.48
C VAL D 225 -6.95 2.02 12.53
C1 NAG E . 8.64 -25.64 4.88
C2 NAG E . 8.22 -26.92 4.14
C3 NAG E . 9.45 -27.45 3.41
C4 NAG E . 9.77 -26.39 2.33
C5 NAG E . 10.04 -25.06 3.08
C6 NAG E . 10.37 -24.03 2.04
C7 NAG E . 8.09 -28.92 5.66
C8 NAG E . 7.34 -30.21 5.69
N2 NAG E . 7.52 -27.92 4.95
O3 NAG E . 9.18 -28.71 2.83
O4 NAG E . 10.90 -26.71 1.52
O5 NAG E . 8.89 -24.69 3.80
O6 NAG E . 9.29 -23.50 1.39
O7 NAG E . 9.08 -28.75 6.20
C1 FUC E . 9.47 -23.34 -0.01
C2 FUC E . 9.94 -21.90 -0.25
C3 FUC E . 8.93 -20.96 -0.87
C4 FUC E . 7.98 -21.52 -1.91
C5 FUC E . 8.03 -23.04 -1.93
C6 FUC E . 6.69 -23.63 -2.40
O2 FUC E . 11.18 -22.04 -0.99
O3 FUC E . 8.17 -20.32 0.19
O4 FUC E . 6.62 -21.11 -1.67
O5 FUC E . 8.19 -23.58 -0.57
C1 NAG F . -18.89 -14.08 11.30
C2 NAG F . -19.81 -14.71 12.37
C3 NAG F . -20.98 -13.79 12.60
C4 NAG F . -20.32 -12.59 13.30
C5 NAG F . -19.23 -11.97 12.37
C6 NAG F . -18.63 -10.85 13.20
C7 NAG F . -19.62 -17.12 12.85
C8 NAG F . -18.65 -18.13 12.35
N2 NAG F . -20.11 -16.12 12.04
O3 NAG F . -21.86 -14.47 13.47
O4 NAG F . -21.22 -11.54 13.71
O5 NAG F . -18.31 -12.96 12.01
O6 NAG F . -17.33 -10.48 13.07
O7 NAG F . -19.99 -17.14 13.94
C1 FUC F . -16.87 -9.66 14.16
C2 FUC F . -16.63 -8.26 13.55
C3 FUC F . -15.25 -8.27 12.93
C4 FUC F . -14.18 -8.39 13.99
C5 FUC F . -14.63 -9.37 15.09
C6 FUC F . -13.51 -10.27 15.61
O2 FUC F . -16.90 -7.26 14.55
O3 FUC F . -15.22 -9.33 11.97
O4 FUC F . -12.91 -8.74 13.41
O5 FUC F . -15.68 -10.27 14.60
#